data_5MRA
#
_entry.id   5MRA
#
_cell.length_a   92.229
_cell.length_b   104.831
_cell.length_c   113.273
_cell.angle_alpha   90.00
_cell.angle_beta   90.00
_cell.angle_gamma   90.00
#
_symmetry.space_group_name_H-M   'P 21 21 21'
#
loop_
_entity.id
_entity.type
_entity.pdbx_description
1 polymer Sorcin
2 non-polymer 'MAGNESIUM ION'
3 non-polymer 'DIMETHYL SULFOXIDE'
4 non-polymer DOXORUBICIN
5 water water
#
_entity_poly.entity_id   1
_entity_poly.type   'polypeptide(L)'
_entity_poly.pdbx_seq_one_letter_code
;MDPLYGYFAAVAGQDGQIDADELQRCLTQSGIAGGYKPFNLETCRLMVSMLDRDMSGTMGFNEFKELWAVLNGWRQHFIS
FDTDRSGTVDPQELQKALTTMGFRLSPQAVNSIAKRYSTNGKITFDDYIACCVKLRALTDSFRRRDTAQQGVVNFPYDDF
IQCVMSV
;
_entity_poly.pdbx_strand_id   A,B,C,D
#
# COMPACT_ATOMS: atom_id res chain seq x y z
N MET A 1 -2.21 -25.68 9.84
CA MET A 1 -3.24 -24.80 9.18
C MET A 1 -2.67 -24.15 7.92
N ASP A 2 -1.57 -23.41 8.09
CA ASP A 2 -1.04 -22.48 7.06
C ASP A 2 0.00 -23.18 6.17
N PRO A 3 -0.17 -23.12 4.81
CA PRO A 3 0.80 -23.79 3.92
C PRO A 3 2.24 -23.27 4.00
N LEU A 4 2.42 -22.02 4.41
CA LEU A 4 3.75 -21.43 4.49
C LEU A 4 4.61 -21.93 5.66
N TYR A 5 4.06 -22.78 6.56
CA TYR A 5 4.84 -23.22 7.72
C TYR A 5 5.96 -24.21 7.36
N GLY A 6 5.69 -25.13 6.45
CA GLY A 6 6.68 -26.14 6.07
C GLY A 6 8.01 -25.57 5.62
N TYR A 7 7.94 -24.60 4.70
CA TYR A 7 9.13 -23.90 4.19
C TYR A 7 9.90 -23.24 5.32
N PHE A 8 9.17 -22.51 6.17
CA PHE A 8 9.73 -21.88 7.36
C PHE A 8 10.25 -22.90 8.38
N ALA A 9 9.50 -23.97 8.59
CA ALA A 9 9.87 -24.98 9.59
C ALA A 9 11.26 -25.53 9.26
N ALA A 10 11.39 -26.02 8.03
CA ALA A 10 12.65 -26.55 7.51
C ALA A 10 13.87 -25.71 7.86
N VAL A 11 13.76 -24.39 7.70
CA VAL A 11 14.96 -23.52 7.74
C VAL A 11 15.49 -23.25 9.13
N ALA A 12 14.65 -23.10 10.14
CA ALA A 12 15.17 -22.82 11.48
C ALA A 12 14.25 -23.21 12.60
N GLY A 13 14.84 -23.82 13.64
CA GLY A 13 14.35 -23.74 15.00
C GLY A 13 15.37 -23.09 15.93
N GLN A 14 15.90 -21.92 15.51
CA GLN A 14 16.78 -21.11 16.39
C GLN A 14 16.03 -20.74 17.65
N ASP A 15 14.80 -20.27 17.47
CA ASP A 15 13.73 -20.40 18.48
C ASP A 15 12.45 -21.05 17.91
N GLY A 16 12.33 -21.07 16.59
CA GLY A 16 11.13 -20.61 15.90
C GLY A 16 11.39 -19.23 15.34
N GLN A 17 12.50 -19.09 14.62
CA GLN A 17 13.06 -17.81 14.21
C GLN A 17 14.25 -18.02 13.28
N ILE A 18 14.30 -17.22 12.22
CA ILE A 18 15.23 -17.43 11.10
C ILE A 18 16.10 -16.21 10.96
N ASP A 19 17.28 -16.40 10.38
CA ASP A 19 18.14 -15.29 9.92
C ASP A 19 18.16 -15.17 8.39
N ALA A 20 18.92 -14.20 7.86
CA ALA A 20 18.96 -13.92 6.43
C ALA A 20 19.39 -15.15 5.60
N ASP A 21 20.51 -15.76 6.00
CA ASP A 21 21.04 -17.02 5.41
C ASP A 21 20.00 -18.14 5.32
N GLU A 22 19.15 -18.22 6.35
CA GLU A 22 18.03 -19.18 6.37
C GLU A 22 16.88 -18.67 5.50
N LEU A 23 16.39 -17.47 5.79
CA LEU A 23 15.29 -16.82 5.02
C LEU A 23 15.48 -16.93 3.52
N GLN A 24 16.69 -16.54 3.08
CA GLN A 24 17.08 -16.72 1.69
C GLN A 24 16.62 -18.09 1.21
N ARG A 25 17.07 -19.14 1.89
CA ARG A 25 16.69 -20.49 1.48
C ARG A 25 15.17 -20.66 1.39
N CYS A 26 14.44 -20.49 2.50
CA CYS A 26 13.04 -20.91 2.49
C CYS A 26 12.22 -20.13 1.46
N LEU A 27 12.64 -18.92 1.12
CA LEU A 27 12.01 -18.21 0.01
C LEU A 27 12.20 -18.94 -1.33
N THR A 28 13.44 -19.29 -1.63
CA THR A 28 13.76 -20.01 -2.85
C THR A 28 13.23 -21.46 -2.84
N GLN A 29 13.19 -22.06 -1.64
CA GLN A 29 12.51 -23.33 -1.39
C GLN A 29 11.01 -23.26 -1.71
N SER A 30 10.37 -22.17 -1.27
CA SER A 30 8.95 -21.94 -1.55
C SER A 30 8.69 -21.56 -3.00
N GLY A 31 9.70 -20.98 -3.66
CA GLY A 31 9.59 -20.63 -5.08
C GLY A 31 8.64 -19.46 -5.30
N ILE A 32 8.56 -18.55 -4.32
CA ILE A 32 8.14 -17.16 -4.54
C ILE A 32 8.96 -16.48 -5.65
N ALA A 33 10.28 -16.74 -5.66
CA ALA A 33 11.17 -16.30 -6.72
C ALA A 33 10.51 -16.47 -8.10
N GLY A 34 10.04 -17.69 -8.38
CA GLY A 34 8.98 -17.92 -9.37
C GLY A 34 9.44 -17.71 -10.79
N GLY A 35 10.33 -18.58 -11.27
CA GLY A 35 11.00 -18.40 -12.56
C GLY A 35 12.28 -17.60 -12.43
N TYR A 36 12.17 -16.41 -11.83
CA TYR A 36 13.31 -15.51 -11.63
C TYR A 36 14.31 -16.06 -10.61
N LYS A 37 15.50 -15.46 -10.61
CA LYS A 37 16.61 -15.97 -9.82
C LYS A 37 16.32 -15.80 -8.32
N PRO A 38 16.80 -16.74 -7.48
CA PRO A 38 16.75 -16.61 -6.01
C PRO A 38 17.16 -15.24 -5.46
N PHE A 39 16.36 -14.69 -4.54
CA PHE A 39 16.67 -13.40 -3.93
C PHE A 39 18.00 -13.47 -3.21
N ASN A 40 19.02 -12.74 -3.66
CA ASN A 40 20.37 -12.88 -3.07
C ASN A 40 20.51 -12.16 -1.72
N LEU A 41 21.43 -12.68 -0.91
CA LEU A 41 21.51 -12.38 0.53
C LEU A 41 21.67 -10.88 0.83
N GLU A 42 22.31 -10.16 -0.09
CA GLU A 42 22.36 -8.70 -0.06
C GLU A 42 20.97 -8.07 0.11
N THR A 43 19.99 -8.58 -0.63
CA THR A 43 18.59 -8.22 -0.42
C THR A 43 18.06 -8.78 0.90
N CYS A 44 18.30 -10.06 1.15
CA CYS A 44 17.64 -10.76 2.26
C CYS A 44 18.16 -10.45 3.69
N ARG A 45 19.07 -9.49 3.86
CA ARG A 45 19.17 -8.80 5.15
C ARG A 45 18.13 -7.69 5.27
N LEU A 46 17.87 -6.96 4.18
CA LEU A 46 16.78 -5.97 4.19
C LEU A 46 15.48 -6.62 4.67
N MET A 47 15.17 -7.78 4.11
CA MET A 47 13.94 -8.50 4.43
C MET A 47 13.82 -8.85 5.92
N VAL A 48 14.96 -9.08 6.59
CA VAL A 48 14.99 -9.20 8.05
C VAL A 48 14.70 -7.83 8.68
N SER A 49 15.65 -6.89 8.52
CA SER A 49 15.59 -5.59 9.21
C SER A 49 14.32 -4.77 8.89
N MET A 50 13.69 -5.02 7.74
CA MET A 50 12.33 -4.51 7.42
C MET A 50 11.27 -4.86 8.46
N LEU A 51 11.28 -6.11 8.92
CA LEU A 51 10.30 -6.62 9.88
C LEU A 51 11.02 -7.15 11.13
N ASP A 52 11.87 -6.29 11.70
CA ASP A 52 12.67 -6.59 12.88
C ASP A 52 12.83 -5.31 13.71
N ARG A 53 11.86 -5.06 14.59
CA ARG A 53 11.90 -3.89 15.47
C ARG A 53 12.92 -4.05 16.60
N ASP A 54 13.19 -5.30 16.98
CA ASP A 54 14.06 -5.63 18.12
C ASP A 54 15.54 -5.89 17.76
N MET A 55 15.98 -5.45 16.58
CA MET A 55 17.41 -5.42 16.17
C MET A 55 18.17 -6.75 16.39
N SER A 56 17.44 -7.86 16.34
CA SER A 56 17.98 -9.19 16.67
C SER A 56 18.84 -9.73 15.54
N GLY A 57 18.53 -9.31 14.31
CA GLY A 57 18.94 -10.00 13.10
C GLY A 57 18.09 -11.23 12.79
N THR A 58 16.82 -11.18 13.18
CA THR A 58 15.93 -12.33 13.07
C THR A 58 14.51 -11.88 12.78
N MET A 59 13.76 -12.70 12.04
CA MET A 59 12.30 -12.60 11.98
C MET A 59 11.65 -13.94 12.30
N GLY A 60 10.42 -13.89 12.79
CA GLY A 60 9.61 -15.07 13.10
C GLY A 60 8.62 -15.36 12.00
N PHE A 61 7.91 -16.48 12.15
CA PHE A 61 6.98 -16.96 11.11
C PHE A 61 5.80 -16.00 10.86
N ASN A 62 5.22 -15.47 11.92
CA ASN A 62 4.08 -14.57 11.73
C ASN A 62 4.51 -13.26 11.08
N GLU A 63 5.73 -12.83 11.36
CA GLU A 63 6.37 -11.76 10.60
C GLU A 63 6.65 -12.17 9.14
N PHE A 64 7.26 -13.35 8.99
CA PHE A 64 7.49 -13.98 7.67
C PHE A 64 6.23 -13.97 6.80
N LYS A 65 5.11 -14.41 7.36
CA LYS A 65 3.84 -14.48 6.61
C LYS A 65 3.44 -13.14 5.99
N GLU A 66 3.64 -12.07 6.75
CA GLU A 66 3.45 -10.71 6.23
C GLU A 66 4.32 -10.53 5.00
N LEU A 67 5.62 -10.77 5.19
CA LEU A 67 6.63 -10.57 4.13
C LEU A 67 6.23 -11.27 2.82
N TRP A 68 6.07 -12.59 2.89
CA TRP A 68 5.77 -13.41 1.71
C TRP A 68 4.61 -12.85 0.90
N ALA A 69 3.59 -12.36 1.60
CA ALA A 69 2.40 -11.80 0.96
C ALA A 69 2.69 -10.49 0.23
N VAL A 70 3.41 -9.59 0.89
CA VAL A 70 3.81 -8.32 0.30
C VAL A 70 4.50 -8.60 -1.04
N LEU A 71 5.47 -9.52 -0.99
CA LEU A 71 6.26 -9.95 -2.15
C LEU A 71 5.41 -10.57 -3.25
N ASN A 72 4.54 -11.51 -2.88
CA ASN A 72 3.63 -12.18 -3.82
C ASN A 72 2.86 -11.11 -4.61
N GLY A 73 2.45 -10.04 -3.93
CA GLY A 73 1.80 -8.90 -4.58
C GLY A 73 2.73 -8.09 -5.45
N TRP A 74 3.84 -7.65 -4.85
CA TRP A 74 4.89 -6.88 -5.54
C TRP A 74 5.39 -7.56 -6.82
N ARG A 75 5.83 -8.80 -6.65
CA ARG A 75 6.20 -9.69 -7.77
C ARG A 75 5.18 -9.65 -8.89
N GLN A 76 3.90 -9.68 -8.54
CA GLN A 76 2.84 -9.69 -9.54
C GLN A 76 2.92 -8.47 -10.44
N HIS A 77 3.01 -7.29 -9.82
CA HIS A 77 3.09 -6.03 -10.57
C HIS A 77 4.27 -6.00 -11.53
N PHE A 78 5.44 -6.40 -11.06
CA PHE A 78 6.62 -6.64 -11.93
C PHE A 78 6.24 -7.45 -13.19
N ILE A 79 5.55 -8.56 -12.99
CA ILE A 79 5.21 -9.50 -14.07
C ILE A 79 4.15 -8.94 -14.99
N SER A 80 3.49 -7.86 -14.60
CA SER A 80 2.77 -7.03 -15.58
C SER A 80 3.75 -6.55 -16.65
N PHE A 81 4.84 -5.91 -16.23
CA PHE A 81 5.77 -5.27 -17.16
C PHE A 81 6.83 -6.23 -17.72
N ASP A 82 6.86 -7.45 -17.20
CA ASP A 82 7.80 -8.44 -17.66
C ASP A 82 7.13 -9.71 -18.17
N THR A 83 6.28 -9.54 -19.19
CA THR A 83 5.73 -10.65 -19.96
C THR A 83 6.77 -11.35 -20.85
N ASP A 84 7.94 -10.73 -20.99
CA ASP A 84 9.20 -11.43 -21.32
C ASP A 84 9.40 -12.74 -20.53
N ARG A 85 9.22 -12.69 -19.20
CA ARG A 85 9.88 -13.59 -18.21
C ARG A 85 11.42 -13.36 -18.14
N SER A 86 11.85 -12.12 -18.38
CA SER A 86 13.27 -11.78 -18.52
C SER A 86 14.03 -11.67 -17.19
N GLY A 87 13.41 -11.03 -16.20
CA GLY A 87 14.10 -10.61 -14.97
C GLY A 87 14.57 -9.17 -15.01
N THR A 88 13.97 -8.38 -15.91
CA THR A 88 14.46 -7.05 -16.24
C THR A 88 13.29 -6.19 -16.64
N VAL A 89 13.30 -4.94 -16.22
CA VAL A 89 12.21 -4.03 -16.49
C VAL A 89 12.74 -2.59 -16.57
N ASP A 90 12.19 -1.80 -17.50
CA ASP A 90 12.72 -0.46 -17.81
C ASP A 90 12.37 0.52 -16.70
N PRO A 91 13.16 1.60 -16.53
CA PRO A 91 12.89 2.57 -15.45
C PRO A 91 11.67 3.48 -15.63
N GLN A 92 11.02 3.43 -16.78
CA GLN A 92 9.66 3.97 -16.95
C GLN A 92 8.66 2.91 -16.45
N GLU A 93 8.81 1.68 -16.96
CA GLU A 93 8.04 0.52 -16.48
C GLU A 93 8.08 0.41 -14.94
N LEU A 94 9.28 0.62 -14.36
CA LEU A 94 9.45 0.70 -12.89
C LEU A 94 8.71 1.88 -12.27
N GLN A 95 8.86 3.07 -12.85
CA GLN A 95 8.23 4.24 -12.25
C GLN A 95 6.72 4.03 -12.12
N LYS A 96 6.08 3.53 -13.18
CA LYS A 96 4.63 3.31 -13.18
C LYS A 96 4.22 2.21 -12.19
N ALA A 97 5.04 1.17 -12.11
CA ALA A 97 4.85 0.07 -11.14
C ALA A 97 4.86 0.53 -9.69
N LEU A 98 5.72 1.50 -9.37
CA LEU A 98 5.76 2.11 -8.03
C LEU A 98 4.47 2.92 -7.72
N THR A 99 3.90 3.56 -8.73
CA THR A 99 2.67 4.35 -8.56
C THR A 99 1.50 3.41 -8.29
N THR A 100 1.25 2.50 -9.24
CA THR A 100 0.06 1.66 -9.21
C THR A 100 -0.07 0.82 -7.93
N MET A 101 1.06 0.49 -7.29
CA MET A 101 1.06 -0.23 -6.01
C MET A 101 1.17 0.65 -4.75
N GLY A 102 0.78 1.92 -4.88
CA GLY A 102 0.47 2.75 -3.71
C GLY A 102 1.73 3.24 -3.02
N PHE A 103 2.47 4.09 -3.74
CA PHE A 103 3.54 4.91 -3.16
C PHE A 103 3.33 6.39 -3.56
N ARG A 104 3.27 7.29 -2.57
CA ARG A 104 3.08 8.74 -2.81
C ARG A 104 4.43 9.42 -3.12
N LEU A 105 4.94 9.18 -4.31
CA LEU A 105 6.25 9.70 -4.72
C LEU A 105 6.13 10.60 -5.96
N SER A 106 6.96 11.65 -5.98
CA SER A 106 6.86 12.72 -6.98
C SER A 106 7.47 12.29 -8.33
N PRO A 107 7.40 13.17 -9.35
CA PRO A 107 8.23 12.95 -10.53
C PRO A 107 9.72 12.88 -10.21
N GLN A 108 10.23 13.91 -9.54
CA GLN A 108 11.66 14.02 -9.18
C GLN A 108 12.19 12.87 -8.30
N ALA A 109 11.34 12.29 -7.46
CA ALA A 109 11.76 11.28 -6.49
C ALA A 109 12.01 9.92 -7.14
N VAL A 110 11.07 9.49 -7.97
CA VAL A 110 11.16 8.17 -8.60
C VAL A 110 12.22 8.19 -9.70
N ASN A 111 12.35 9.30 -10.41
CA ASN A 111 13.53 9.54 -11.25
C ASN A 111 14.82 9.25 -10.49
N SER A 112 14.97 9.86 -9.31
CA SER A 112 16.17 9.69 -8.47
C SER A 112 16.35 8.30 -7.85
N ILE A 113 15.25 7.57 -7.67
CA ILE A 113 15.33 6.15 -7.37
C ILE A 113 15.74 5.39 -8.64
N ALA A 114 14.90 5.44 -9.67
CA ALA A 114 15.07 4.65 -10.90
C ALA A 114 16.49 4.74 -11.47
N LYS A 115 16.99 5.97 -11.57
CA LYS A 115 18.38 6.23 -11.91
C LYS A 115 19.32 5.34 -11.09
N ARG A 116 19.18 5.39 -9.77
CA ARG A 116 20.08 4.67 -8.84
C ARG A 116 20.07 3.14 -9.03
N TYR A 117 18.88 2.54 -8.93
CA TYR A 117 18.78 1.06 -8.93
C TYR A 117 18.97 0.43 -10.32
N SER A 118 18.89 1.24 -11.39
CA SER A 118 19.20 0.75 -12.74
C SER A 118 20.69 0.57 -12.95
N THR A 119 21.03 -0.41 -13.78
CA THR A 119 22.42 -0.69 -14.20
C THR A 119 22.39 -1.29 -15.62
N ASN A 120 22.79 -0.50 -16.62
CA ASN A 120 22.45 -0.70 -18.04
C ASN A 120 20.94 -0.64 -18.28
N GLY A 121 20.34 0.50 -17.94
CA GLY A 121 19.03 0.91 -18.48
C GLY A 121 17.81 0.07 -18.13
N LYS A 122 17.98 -0.95 -17.29
CA LYS A 122 16.88 -1.79 -16.83
C LYS A 122 17.22 -2.21 -15.41
N ILE A 123 16.22 -2.72 -14.70
CA ILE A 123 16.33 -3.05 -13.29
C ILE A 123 16.05 -4.53 -13.10
N THR A 124 16.94 -5.21 -12.36
CA THR A 124 16.78 -6.64 -12.05
C THR A 124 15.60 -6.83 -11.14
N PHE A 125 15.03 -8.04 -11.19
CA PHE A 125 13.94 -8.38 -10.29
C PHE A 125 14.43 -8.30 -8.86
N ASP A 126 15.57 -8.93 -8.58
CA ASP A 126 16.17 -8.81 -7.26
C ASP A 126 16.31 -7.34 -6.79
N ASP A 127 16.73 -6.46 -7.70
CA ASP A 127 16.91 -5.03 -7.37
C ASP A 127 15.56 -4.35 -7.09
N TYR A 128 14.57 -4.66 -7.92
CA TYR A 128 13.20 -4.10 -7.78
C TYR A 128 12.55 -4.37 -6.43
N ILE A 129 12.85 -5.54 -5.88
CA ILE A 129 12.39 -5.93 -4.55
C ILE A 129 13.15 -5.11 -3.53
N ALA A 130 14.48 -5.18 -3.55
CA ALA A 130 15.30 -4.44 -2.58
C ALA A 130 15.05 -2.94 -2.60
N CYS A 131 14.66 -2.41 -3.77
CA CYS A 131 14.12 -1.04 -3.86
C CYS A 131 12.78 -0.91 -3.12
N CYS A 132 11.86 -1.82 -3.46
CA CYS A 132 10.50 -1.83 -2.89
C CYS A 132 10.49 -2.12 -1.41
N VAL A 133 11.24 -3.15 -1.01
CA VAL A 133 11.53 -3.41 0.40
C VAL A 133 11.94 -2.10 1.08
N LYS A 134 13.05 -1.52 0.64
CA LYS A 134 13.64 -0.37 1.34
C LYS A 134 12.57 0.70 1.51
N LEU A 135 11.84 1.05 0.44
CA LEU A 135 10.74 2.02 0.54
C LEU A 135 9.86 1.74 1.76
N ARG A 136 9.32 0.51 1.86
CA ARG A 136 8.25 0.21 2.83
C ARG A 136 8.74 0.18 4.29
N ALA A 137 10.02 -0.06 4.50
CA ALA A 137 10.64 0.04 5.83
C ALA A 137 11.06 1.48 6.21
N LEU A 138 11.44 2.29 5.21
CA LEU A 138 11.76 3.72 5.46
C LEU A 138 10.50 4.56 5.69
N THR A 139 9.44 4.27 4.94
CA THR A 139 8.13 4.89 5.13
C THR A 139 7.46 4.49 6.44
N ASP A 140 7.62 3.22 6.84
CA ASP A 140 7.19 2.76 8.17
C ASP A 140 7.97 3.46 9.32
N SER A 141 9.25 3.78 9.11
CA SER A 141 10.04 4.60 10.04
C SER A 141 9.64 6.08 10.07
N PHE A 142 9.31 6.63 8.91
CA PHE A 142 8.82 8.00 8.81
C PHE A 142 7.44 8.16 9.44
N ARG A 143 6.54 7.21 9.21
CA ARG A 143 5.22 7.18 9.88
C ARG A 143 5.32 6.83 11.37
N ARG A 144 6.36 6.08 11.76
CA ARG A 144 6.71 5.88 13.18
C ARG A 144 7.06 7.17 13.92
N ARG A 145 7.75 8.08 13.24
CA ARG A 145 8.13 9.38 13.80
C ARG A 145 7.16 10.50 13.46
N ASP A 146 6.39 10.36 12.37
CA ASP A 146 5.33 11.32 12.04
C ASP A 146 4.06 10.98 12.83
N THR A 147 4.13 11.19 14.15
CA THR A 147 2.95 11.42 15.00
C THR A 147 2.71 12.94 15.20
N ALA A 148 3.56 13.77 14.60
CA ALA A 148 3.14 15.10 14.11
C ALA A 148 1.98 15.02 13.10
N GLN A 149 1.96 13.94 12.30
CA GLN A 149 0.90 13.64 11.31
C GLN A 149 0.85 14.63 10.13
N GLN A 150 1.96 15.33 9.91
CA GLN A 150 2.00 16.52 9.03
C GLN A 150 2.44 16.20 7.59
N GLY A 151 3.16 15.10 7.41
CA GLY A 151 4.01 14.89 6.22
C GLY A 151 5.40 15.52 6.34
N VAL A 152 5.76 15.97 7.55
CA VAL A 152 7.09 16.47 7.85
C VAL A 152 7.52 15.91 9.21
N VAL A 153 8.77 15.48 9.28
CA VAL A 153 9.40 15.08 10.54
C VAL A 153 10.77 15.75 10.60
N ASN A 154 11.20 16.09 11.82
CA ASN A 154 12.44 16.80 12.06
C ASN A 154 13.51 15.95 12.74
N PHE A 155 14.73 16.03 12.23
CA PHE A 155 15.76 15.02 12.45
C PHE A 155 17.04 15.68 12.93
N PRO A 156 17.51 15.32 14.15
CA PRO A 156 18.91 15.53 14.55
C PRO A 156 19.88 14.68 13.74
N TYR A 157 21.11 15.15 13.62
CA TYR A 157 22.19 14.40 12.97
C TYR A 157 22.45 13.02 13.61
N ASP A 158 22.39 12.94 14.94
CA ASP A 158 22.55 11.67 15.67
C ASP A 158 21.31 10.75 15.54
N ASP A 159 20.16 11.33 15.20
CA ASP A 159 18.91 10.58 15.00
C ASP A 159 18.72 10.16 13.53
N PHE A 160 19.02 11.08 12.61
CA PHE A 160 18.98 10.85 11.15
C PHE A 160 19.87 9.70 10.67
N ILE A 161 21.05 9.59 11.26
CA ILE A 161 21.99 8.52 10.90
C ILE A 161 21.48 7.18 11.44
N GLN A 162 21.22 7.13 12.76
CA GLN A 162 20.72 5.92 13.43
C GLN A 162 19.39 5.40 12.88
N CYS A 163 18.60 6.30 12.26
CA CYS A 163 17.46 5.90 11.40
C CYS A 163 17.88 5.12 10.14
N VAL A 164 18.76 5.72 9.34
CA VAL A 164 19.06 5.24 7.98
C VAL A 164 20.05 4.06 7.99
N MET A 165 20.93 4.00 8.98
CA MET A 165 21.87 2.87 9.10
C MET A 165 21.25 1.56 9.65
N SER A 166 20.03 1.61 10.17
CA SER A 166 19.30 0.41 10.59
C SER A 166 18.80 -0.45 9.42
N VAL A 167 18.37 0.21 8.33
CA VAL A 167 17.66 -0.48 7.23
C VAL A 167 18.61 -1.31 6.34
N MET B 1 52.18 12.30 -15.78
CA MET B 1 51.38 11.05 -15.53
C MET B 1 51.30 10.70 -14.03
N ASP B 2 50.07 10.60 -13.51
CA ASP B 2 49.81 10.05 -12.16
C ASP B 2 49.91 8.51 -12.20
N PRO B 3 50.40 7.88 -11.10
CA PRO B 3 50.43 6.41 -11.08
C PRO B 3 49.05 5.76 -11.11
N LEU B 4 48.11 6.29 -10.33
CA LEU B 4 46.75 5.75 -10.30
C LEU B 4 45.99 5.85 -11.63
N TYR B 5 46.49 6.64 -12.57
CA TYR B 5 45.87 6.75 -13.89
C TYR B 5 45.71 5.41 -14.57
N GLY B 6 46.78 4.60 -14.56
CA GLY B 6 46.82 3.37 -15.34
C GLY B 6 45.76 2.34 -15.00
N TYR B 7 45.43 2.20 -13.72
CA TYR B 7 44.43 1.22 -13.30
C TYR B 7 43.05 1.66 -13.82
N PHE B 8 42.75 2.93 -13.57
CA PHE B 8 41.60 3.64 -14.13
C PHE B 8 41.59 3.67 -15.67
N ALA B 9 42.76 3.83 -16.29
CA ALA B 9 42.87 3.99 -17.75
C ALA B 9 42.33 2.79 -18.53
N ALA B 10 42.89 1.62 -18.26
CA ALA B 10 42.58 0.41 -19.03
C ALA B 10 41.10 0.03 -18.96
N VAL B 11 40.42 0.41 -17.87
CA VAL B 11 38.98 0.19 -17.74
C VAL B 11 38.13 1.39 -18.27
N ALA B 12 37.30 1.12 -19.28
CA ALA B 12 36.41 2.13 -19.93
C ALA B 12 37.10 3.41 -20.40
N GLY B 13 37.73 3.33 -21.57
CA GLY B 13 38.74 4.29 -22.00
C GLY B 13 38.23 5.64 -22.44
N GLN B 14 37.12 5.69 -23.19
CA GLN B 14 36.74 6.89 -23.95
C GLN B 14 35.85 7.84 -23.14
N ASP B 15 34.82 7.29 -22.48
CA ASP B 15 33.93 8.11 -21.64
C ASP B 15 34.70 8.95 -20.61
N GLY B 16 35.85 8.47 -20.15
CA GLY B 16 36.60 9.13 -19.09
C GLY B 16 35.87 8.99 -17.77
N GLN B 17 35.29 7.80 -17.57
CA GLN B 17 34.23 7.56 -16.57
C GLN B 17 34.15 6.05 -16.27
N ILE B 18 33.74 5.73 -15.02
CA ILE B 18 33.57 4.34 -14.58
C ILE B 18 32.37 4.14 -13.65
N ASP B 19 31.55 3.14 -13.96
CA ASP B 19 30.45 2.70 -13.07
C ASP B 19 30.94 1.64 -12.10
N ALA B 20 30.08 1.26 -11.17
CA ALA B 20 30.42 0.28 -10.13
C ALA B 20 31.20 -0.94 -10.64
N ASP B 21 30.74 -1.52 -11.75
CA ASP B 21 31.36 -2.72 -12.37
C ASP B 21 32.78 -2.43 -12.87
N GLU B 22 32.91 -1.32 -13.60
CA GLU B 22 34.21 -0.81 -14.03
C GLU B 22 35.08 -0.47 -12.82
N LEU B 23 34.50 0.18 -11.81
CA LEU B 23 35.21 0.62 -10.59
C LEU B 23 35.83 -0.55 -9.83
N GLN B 24 35.04 -1.61 -9.65
CA GLN B 24 35.46 -2.77 -8.86
C GLN B 24 36.74 -3.40 -9.40
N ARG B 25 36.82 -3.55 -10.72
CA ARG B 25 37.98 -4.18 -11.34
C ARG B 25 39.26 -3.40 -10.97
N CYS B 26 39.25 -2.09 -11.22
CA CYS B 26 40.46 -1.27 -11.13
C CYS B 26 40.92 -0.94 -9.69
N LEU B 27 40.00 -0.92 -8.71
CA LEU B 27 40.36 -0.78 -7.29
C LEU B 27 41.30 -1.90 -6.83
N THR B 28 40.84 -3.13 -7.04
CA THR B 28 41.49 -4.30 -6.50
C THR B 28 42.69 -4.73 -7.35
N GLN B 29 42.67 -4.36 -8.63
CA GLN B 29 43.89 -4.27 -9.47
C GLN B 29 45.02 -3.47 -8.82
N SER B 30 44.70 -2.27 -8.32
CA SER B 30 45.68 -1.39 -7.67
C SER B 30 46.00 -1.74 -6.21
N GLY B 31 45.26 -2.70 -5.63
CA GLY B 31 45.64 -3.29 -4.35
C GLY B 31 45.41 -2.37 -3.17
N ILE B 32 44.45 -1.48 -3.30
CA ILE B 32 43.87 -0.80 -2.15
C ILE B 32 43.16 -1.79 -1.22
N ALA B 33 42.61 -2.86 -1.80
CA ALA B 33 42.25 -4.07 -1.06
C ALA B 33 43.36 -4.45 -0.07
N GLY B 34 44.57 -4.58 -0.60
CA GLY B 34 45.78 -4.58 0.21
C GLY B 34 45.92 -5.85 1.02
N GLY B 35 45.68 -6.99 0.37
CA GLY B 35 45.69 -8.30 1.01
C GLY B 35 44.32 -8.84 1.37
N TYR B 36 43.48 -8.01 1.99
CA TYR B 36 42.10 -8.36 2.38
C TYR B 36 41.20 -8.80 1.22
N LYS B 37 40.02 -9.34 1.58
CA LYS B 37 39.04 -9.86 0.60
C LYS B 37 38.56 -8.76 -0.36
N PRO B 38 38.94 -8.83 -1.66
CA PRO B 38 38.75 -7.71 -2.60
C PRO B 38 37.30 -7.27 -2.77
N PHE B 39 37.10 -5.95 -2.93
CA PHE B 39 35.77 -5.31 -2.83
C PHE B 39 34.72 -5.94 -3.75
N ASN B 40 33.61 -6.42 -3.18
CA ASN B 40 32.48 -6.89 -3.99
C ASN B 40 31.64 -5.70 -4.44
N LEU B 41 30.74 -5.94 -5.39
CA LEU B 41 30.23 -4.85 -6.23
C LEU B 41 29.26 -3.92 -5.51
N GLU B 42 28.34 -4.45 -4.71
CA GLU B 42 27.32 -3.59 -4.06
C GLU B 42 27.93 -2.61 -3.06
N THR B 43 29.13 -2.91 -2.54
CA THR B 43 29.96 -1.89 -1.87
C THR B 43 30.37 -0.77 -2.83
N CYS B 44 30.94 -1.17 -3.98
CA CYS B 44 31.35 -0.24 -5.03
C CYS B 44 30.22 0.64 -5.57
N ARG B 45 28.97 0.16 -5.49
CA ARG B 45 27.80 0.97 -5.84
C ARG B 45 27.71 2.25 -5.00
N LEU B 46 27.95 2.13 -3.69
CA LEU B 46 27.87 3.27 -2.77
C LEU B 46 28.98 4.29 -2.99
N MET B 47 30.20 3.78 -3.15
CA MET B 47 31.38 4.58 -3.50
C MET B 47 31.06 5.50 -4.68
N VAL B 48 30.50 4.92 -5.76
CA VAL B 48 30.02 5.69 -6.92
C VAL B 48 28.96 6.70 -6.50
N SER B 49 27.95 6.22 -5.79
CA SER B 49 26.86 7.07 -5.31
C SER B 49 27.40 8.29 -4.56
N MET B 50 28.25 8.01 -3.58
CA MET B 50 28.92 9.04 -2.77
C MET B 50 29.46 10.19 -3.61
N LEU B 51 30.16 9.86 -4.70
CA LEU B 51 31.11 10.77 -5.33
C LEU B 51 30.73 11.32 -6.70
N ASP B 52 29.62 10.88 -7.28
CA ASP B 52 29.23 11.37 -8.61
C ASP B 52 28.60 12.77 -8.57
N ARG B 53 27.76 13.02 -7.56
CA ARG B 53 27.18 14.36 -7.29
C ARG B 53 26.30 14.96 -8.43
N ASP B 54 26.02 14.15 -9.47
CA ASP B 54 25.20 14.58 -10.62
C ASP B 54 24.19 13.52 -11.10
N MET B 55 24.03 12.43 -10.32
CA MET B 55 23.38 11.18 -10.76
C MET B 55 23.85 10.61 -12.13
N SER B 56 25.15 10.70 -12.39
CA SER B 56 25.75 10.08 -13.58
C SER B 56 25.85 8.56 -13.44
N GLY B 57 25.95 8.07 -12.21
CA GLY B 57 26.27 6.67 -11.96
C GLY B 57 27.73 6.32 -12.23
N THR B 58 28.56 7.36 -12.36
CA THR B 58 29.93 7.22 -12.82
C THR B 58 30.76 8.29 -12.14
N MET B 59 32.08 8.09 -12.13
CA MET B 59 33.02 9.10 -11.65
C MET B 59 34.29 9.05 -12.49
N GLY B 60 34.78 10.23 -12.86
CA GLY B 60 36.01 10.37 -13.63
C GLY B 60 37.24 10.24 -12.77
N PHE B 61 38.39 10.59 -13.33
CA PHE B 61 39.67 10.19 -12.74
C PHE B 61 40.00 10.94 -11.46
N ASN B 62 39.74 12.25 -11.44
CA ASN B 62 40.05 13.07 -10.28
C ASN B 62 39.04 12.85 -9.14
N GLU B 63 37.83 12.47 -9.52
CA GLU B 63 36.90 11.86 -8.57
C GLU B 63 37.44 10.51 -8.03
N PHE B 64 38.11 9.74 -8.89
CA PHE B 64 38.79 8.46 -8.51
C PHE B 64 40.05 8.60 -7.67
N LYS B 65 40.88 9.58 -7.99
CA LYS B 65 42.05 9.87 -7.16
C LYS B 65 41.59 10.19 -5.74
N GLU B 66 40.58 11.05 -5.63
CA GLU B 66 39.99 11.42 -4.34
C GLU B 66 39.56 10.18 -3.54
N LEU B 67 38.89 9.23 -4.19
CA LEU B 67 38.40 8.03 -3.51
C LEU B 67 39.53 7.18 -2.97
N TRP B 68 40.52 6.89 -3.80
CA TRP B 68 41.60 5.98 -3.41
C TRP B 68 42.22 6.40 -2.08
N ALA B 69 42.38 7.71 -1.90
CA ALA B 69 42.90 8.29 -0.66
C ALA B 69 42.03 7.98 0.57
N VAL B 70 40.72 8.20 0.43
CA VAL B 70 39.76 7.97 1.52
C VAL B 70 39.79 6.51 1.96
N LEU B 71 39.83 5.60 0.99
CA LEU B 71 39.89 4.16 1.25
C LEU B 71 41.23 3.71 1.84
N ASN B 72 42.33 4.37 1.46
CA ASN B 72 43.64 4.12 2.08
C ASN B 72 43.58 4.59 3.54
N GLY B 73 43.23 5.86 3.72
CA GLY B 73 42.96 6.42 5.05
C GLY B 73 42.15 5.51 5.96
N TRP B 74 41.05 5.00 5.42
CA TRP B 74 40.18 4.07 6.15
C TRP B 74 40.75 2.67 6.26
N ARG B 75 41.49 2.22 5.25
CA ARG B 75 42.11 0.88 5.29
C ARG B 75 43.07 0.75 6.46
N GLN B 76 43.95 1.73 6.62
CA GLN B 76 44.94 1.69 7.70
C GLN B 76 44.23 1.76 9.05
N HIS B 77 43.27 2.67 9.17
CA HIS B 77 42.46 2.79 10.38
C HIS B 77 41.71 1.51 10.77
N PHE B 78 41.37 0.68 9.78
CA PHE B 78 40.96 -0.71 10.02
C PHE B 78 42.10 -1.56 10.57
N ILE B 79 43.23 -1.56 9.87
CA ILE B 79 44.36 -2.44 10.22
C ILE B 79 44.78 -2.24 11.68
N SER B 80 44.65 -1.02 12.20
CA SER B 80 44.84 -0.76 13.64
C SER B 80 44.01 -1.71 14.51
N PHE B 81 42.71 -1.82 14.21
CA PHE B 81 41.78 -2.69 14.98
C PHE B 81 41.76 -4.17 14.56
N ASP B 82 42.53 -4.53 13.53
CA ASP B 82 42.80 -5.94 13.20
C ASP B 82 44.22 -6.10 12.61
N THR B 83 45.21 -5.91 13.48
CA THR B 83 46.63 -6.14 13.14
C THR B 83 47.00 -7.63 12.98
N ASP B 84 46.19 -8.54 13.54
CA ASP B 84 46.24 -9.96 13.16
C ASP B 84 45.98 -10.24 11.66
N ARG B 85 45.32 -9.31 10.98
CA ARG B 85 45.06 -9.37 9.55
C ARG B 85 44.30 -10.65 9.21
N SER B 86 43.26 -10.90 9.99
CA SER B 86 42.32 -12.00 9.77
C SER B 86 41.43 -11.71 8.56
N GLY B 87 40.90 -10.49 8.51
CA GLY B 87 39.75 -10.14 7.67
C GLY B 87 38.71 -9.36 8.45
N THR B 88 38.59 -9.64 9.76
CA THR B 88 37.40 -9.32 10.53
C THR B 88 37.67 -8.30 11.64
N VAL B 89 36.64 -8.04 12.42
CA VAL B 89 36.73 -7.23 13.63
C VAL B 89 35.44 -7.51 14.42
N ASP B 90 35.55 -7.73 15.74
CA ASP B 90 34.35 -7.89 16.57
C ASP B 90 33.61 -6.55 16.74
N PRO B 91 32.29 -6.57 17.03
CA PRO B 91 31.48 -5.33 17.00
C PRO B 91 31.86 -4.23 18.00
N GLN B 92 32.38 -4.62 19.15
CA GLN B 92 32.71 -3.67 20.21
C GLN B 92 34.04 -2.97 19.90
N GLU B 93 35.04 -3.74 19.44
CA GLU B 93 36.34 -3.15 19.04
C GLU B 93 36.21 -2.34 17.74
N LEU B 94 35.26 -2.72 16.89
CA LEU B 94 34.75 -1.84 15.83
C LEU B 94 34.18 -0.53 16.39
N GLN B 95 33.31 -0.64 17.40
CA GLN B 95 32.65 0.52 18.07
C GLN B 95 33.54 1.75 18.27
N LYS B 96 34.79 1.51 18.66
CA LYS B 96 35.77 2.58 18.88
C LYS B 96 36.29 3.15 17.55
N ALA B 97 36.74 2.26 16.66
CA ALA B 97 37.17 2.59 15.29
C ALA B 97 36.20 3.54 14.57
N LEU B 98 34.91 3.29 14.78
CA LEU B 98 33.85 4.16 14.26
C LEU B 98 33.97 5.57 14.83
N THR B 99 33.99 5.64 16.15
CA THR B 99 34.05 6.92 16.86
C THR B 99 35.29 7.76 16.46
N THR B 100 36.42 7.08 16.25
CA THR B 100 37.74 7.71 16.19
C THR B 100 37.90 8.68 15.02
N MET B 101 37.65 8.22 13.80
CA MET B 101 38.08 8.96 12.59
C MET B 101 37.11 10.06 12.17
N GLY B 102 36.05 10.27 12.95
CA GLY B 102 35.47 11.59 13.13
C GLY B 102 33.96 11.61 13.08
N PHE B 103 33.39 12.70 13.60
CA PHE B 103 32.01 13.13 13.33
C PHE B 103 30.97 12.22 13.99
N ARG B 104 31.31 11.73 15.18
CA ARG B 104 30.81 10.44 15.71
C ARG B 104 29.42 10.54 16.37
N LEU B 105 28.98 9.46 17.01
CA LEU B 105 27.67 9.36 17.67
C LEU B 105 27.78 8.74 19.05
N SER B 106 26.67 8.82 19.79
CA SER B 106 26.62 8.32 21.16
C SER B 106 26.66 6.79 21.17
N PRO B 107 27.18 6.19 22.27
CA PRO B 107 27.06 4.76 22.54
C PRO B 107 25.70 4.09 22.21
N GLN B 108 24.59 4.82 22.41
CA GLN B 108 23.27 4.33 21.94
C GLN B 108 23.13 4.36 20.42
N ALA B 109 23.62 5.42 19.78
CA ALA B 109 23.58 5.55 18.31
C ALA B 109 24.54 4.61 17.59
N VAL B 110 25.78 4.54 18.08
CA VAL B 110 26.84 3.71 17.47
C VAL B 110 26.45 2.24 17.36
N ASN B 111 25.74 1.72 18.36
CA ASN B 111 25.30 0.31 18.35
C ASN B 111 24.48 -0.01 17.11
N SER B 112 23.51 0.84 16.81
CA SER B 112 22.69 0.69 15.60
C SER B 112 23.56 0.40 14.37
N ILE B 113 24.65 1.14 14.21
CA ILE B 113 25.58 0.93 13.09
C ILE B 113 26.26 -0.44 13.15
N ALA B 114 26.67 -0.88 14.33
CA ALA B 114 27.30 -2.21 14.51
C ALA B 114 26.30 -3.37 14.61
N LYS B 115 25.04 -3.07 14.92
CA LYS B 115 23.99 -4.09 14.98
C LYS B 115 23.66 -4.63 13.60
N ARG B 116 23.30 -3.72 12.69
CA ARG B 116 22.96 -4.03 11.30
C ARG B 116 24.10 -4.75 10.58
N TYR B 117 25.29 -4.12 10.56
CA TYR B 117 26.42 -4.61 9.74
C TYR B 117 27.18 -5.82 10.30
N SER B 118 26.80 -6.31 11.49
CA SER B 118 27.39 -7.54 12.09
C SER B 118 27.03 -8.82 11.34
N THR B 119 27.98 -9.32 10.53
CA THR B 119 27.76 -10.49 9.64
C THR B 119 28.19 -11.80 10.33
N ASN B 120 27.19 -12.54 10.84
CA ASN B 120 27.41 -13.74 11.68
C ASN B 120 28.06 -13.43 13.04
N GLY B 121 27.87 -12.20 13.56
CA GLY B 121 28.54 -11.74 14.78
C GLY B 121 29.73 -10.83 14.51
N LYS B 122 30.71 -11.32 13.74
CA LYS B 122 31.86 -10.52 13.31
C LYS B 122 31.47 -9.39 12.32
N ILE B 123 32.44 -8.54 11.93
CA ILE B 123 32.28 -7.57 10.81
C ILE B 123 33.46 -7.71 9.84
N THR B 124 33.15 -7.77 8.54
CA THR B 124 34.18 -7.91 7.49
C THR B 124 34.80 -6.58 7.15
N PHE B 125 35.94 -6.64 6.46
CA PHE B 125 36.58 -5.45 5.92
C PHE B 125 35.70 -4.80 4.85
N ASP B 126 35.07 -5.62 4.01
CA ASP B 126 34.13 -5.11 3.02
C ASP B 126 32.94 -4.42 3.69
N ASP B 127 32.34 -5.07 4.71
CA ASP B 127 31.25 -4.46 5.50
C ASP B 127 31.68 -3.15 6.15
N TYR B 128 32.91 -3.12 6.66
CA TYR B 128 33.47 -1.93 7.32
C TYR B 128 33.54 -0.74 6.37
N ILE B 129 34.26 -0.90 5.26
CA ILE B 129 34.40 0.17 4.24
C ILE B 129 33.04 0.64 3.77
N ALA B 130 32.21 -0.33 3.38
CA ALA B 130 30.82 -0.07 2.96
C ALA B 130 29.99 0.74 3.98
N CYS B 131 30.26 0.53 5.27
CA CYS B 131 29.62 1.34 6.29
C CYS B 131 30.13 2.78 6.31
N CYS B 132 31.44 2.94 6.30
CA CYS B 132 32.08 4.27 6.15
C CYS B 132 31.55 5.01 4.93
N VAL B 133 31.55 4.32 3.79
CA VAL B 133 31.18 4.95 2.53
C VAL B 133 29.74 5.41 2.62
N LYS B 134 28.87 4.57 3.17
CA LYS B 134 27.43 4.93 3.30
C LYS B 134 27.24 6.19 4.17
N LEU B 135 27.98 6.27 5.26
CA LEU B 135 27.85 7.38 6.21
C LEU B 135 28.35 8.69 5.64
N ARG B 136 29.57 8.68 5.10
CA ARG B 136 30.16 9.87 4.47
C ARG B 136 29.15 10.61 3.58
N ALA B 137 28.52 9.88 2.66
CA ALA B 137 27.50 10.44 1.78
C ALA B 137 26.21 10.85 2.51
N LEU B 138 25.88 10.16 3.61
CA LEU B 138 24.79 10.59 4.51
C LEU B 138 25.11 11.85 5.31
N THR B 139 26.33 11.94 5.84
CA THR B 139 26.80 13.20 6.40
C THR B 139 26.69 14.26 5.30
N ASP B 140 27.40 14.05 4.18
CA ASP B 140 27.47 15.01 3.04
C ASP B 140 26.13 15.38 2.40
N SER B 141 25.13 14.52 2.56
CA SER B 141 23.74 14.84 2.21
C SER B 141 23.13 15.75 3.28
N PHE B 142 23.19 15.30 4.53
CA PHE B 142 22.69 16.04 5.69
C PHE B 142 23.25 17.46 5.74
N ARG B 143 24.57 17.58 5.52
CA ARG B 143 25.27 18.87 5.33
C ARG B 143 24.47 19.81 4.44
N ARG B 144 24.19 19.37 3.23
CA ARG B 144 23.70 20.26 2.17
C ARG B 144 22.20 20.61 2.29
N ARG B 145 21.46 19.84 3.11
CA ARG B 145 20.11 20.25 3.52
C ARG B 145 20.10 21.03 4.82
N ASP B 146 21.16 20.87 5.62
CA ASP B 146 21.45 21.76 6.74
C ASP B 146 22.19 23.04 6.30
N THR B 147 21.50 23.90 5.55
CA THR B 147 22.03 25.23 5.18
C THR B 147 22.16 26.14 6.40
N ALA B 148 21.34 25.89 7.43
CA ALA B 148 21.37 26.65 8.68
C ALA B 148 22.62 26.41 9.56
N GLN B 149 23.36 25.31 9.32
CA GLN B 149 24.58 24.98 10.05
C GLN B 149 24.32 24.62 11.53
N GLN B 150 23.20 23.94 11.77
CA GLN B 150 22.65 23.68 13.11
C GLN B 150 23.01 22.29 13.66
N GLY B 151 22.89 21.26 12.82
CA GLY B 151 22.79 19.86 13.27
C GLY B 151 21.39 19.40 13.57
N VAL B 152 20.42 19.93 12.83
CA VAL B 152 19.02 19.53 12.91
C VAL B 152 18.31 19.97 11.63
N VAL B 153 17.72 19.02 10.90
CA VAL B 153 17.19 19.28 9.55
C VAL B 153 15.73 18.82 9.42
N ASN B 154 14.92 19.68 8.81
CA ASN B 154 13.53 19.38 8.48
C ASN B 154 13.48 18.54 7.21
N PHE B 155 12.78 17.42 7.31
CA PHE B 155 12.59 16.51 6.20
C PHE B 155 11.10 16.36 5.93
N PRO B 156 10.62 16.84 4.76
CA PRO B 156 9.34 16.38 4.18
C PRO B 156 9.34 14.86 3.95
N TYR B 157 8.20 14.29 3.52
CA TYR B 157 8.19 12.87 3.16
C TYR B 157 8.95 12.64 1.84
N ASP B 158 8.43 13.18 0.74
CA ASP B 158 9.02 12.93 -0.59
C ASP B 158 10.51 13.28 -0.66
N ASP B 159 10.93 14.30 0.07
CA ASP B 159 12.34 14.67 0.16
C ASP B 159 13.17 13.61 0.91
N PHE B 160 12.61 13.04 1.98
CA PHE B 160 13.30 12.03 2.82
C PHE B 160 13.59 10.74 2.07
N ILE B 161 12.63 10.27 1.27
CA ILE B 161 12.84 9.11 0.42
C ILE B 161 13.89 9.47 -0.64
N GLN B 162 13.58 10.48 -1.45
CA GLN B 162 14.46 10.97 -2.54
C GLN B 162 15.92 11.06 -2.10
N CYS B 163 16.14 11.57 -0.88
CA CYS B 163 17.47 11.61 -0.25
C CYS B 163 17.99 10.21 0.05
N VAL B 164 17.28 9.50 0.92
CA VAL B 164 17.81 8.30 1.56
C VAL B 164 18.06 7.21 0.52
N MET B 165 17.18 7.12 -0.47
CA MET B 165 17.25 6.09 -1.51
C MET B 165 18.39 6.31 -2.51
N SER B 166 18.84 7.55 -2.68
CA SER B 166 19.89 7.86 -3.63
C SER B 166 21.28 7.34 -3.23
N VAL B 167 21.53 7.20 -1.92
CA VAL B 167 22.90 6.94 -1.40
C VAL B 167 23.41 5.52 -1.69
N MET C 1 -50.66 -12.60 14.50
CA MET C 1 -50.60 -11.14 14.85
C MET C 1 -50.39 -10.34 13.55
N ASP C 2 -49.17 -9.87 13.29
CA ASP C 2 -48.86 -8.82 12.30
C ASP C 2 -48.76 -9.53 10.93
N PRO C 3 -49.46 -9.04 9.88
CA PRO C 3 -49.36 -9.76 8.60
C PRO C 3 -48.00 -9.76 7.90
N LEU C 4 -47.07 -8.93 8.34
CA LEU C 4 -45.67 -9.02 7.87
C LEU C 4 -44.90 -10.28 8.30
N TYR C 5 -45.41 -11.03 9.28
CA TYR C 5 -44.62 -12.11 9.90
C TYR C 5 -44.33 -13.28 8.95
N GLY C 6 -45.26 -13.61 8.06
CA GLY C 6 -45.04 -14.68 7.08
C GLY C 6 -43.71 -14.55 6.34
N TYR C 7 -43.48 -13.36 5.80
CA TYR C 7 -42.26 -13.04 5.03
C TYR C 7 -41.02 -13.23 5.89
N PHE C 8 -41.05 -12.63 7.08
CA PHE C 8 -39.94 -12.66 8.05
C PHE C 8 -39.69 -14.05 8.62
N ALA C 9 -40.76 -14.78 8.94
CA ALA C 9 -40.65 -16.06 9.68
C ALA C 9 -39.86 -17.11 8.91
N ALA C 10 -40.20 -17.27 7.63
CA ALA C 10 -39.51 -18.18 6.71
C ALA C 10 -37.99 -17.97 6.75
N VAL C 11 -37.54 -16.78 6.37
CA VAL C 11 -36.11 -16.49 6.24
C VAL C 11 -35.36 -16.32 7.57
N ALA C 12 -36.06 -15.96 8.66
CA ALA C 12 -35.40 -15.78 9.97
C ALA C 12 -34.85 -17.08 10.51
N GLY C 13 -35.56 -18.16 10.24
CA GLY C 13 -35.13 -19.49 10.62
C GLY C 13 -35.43 -19.74 12.08
N GLN C 14 -34.37 -19.77 12.89
CA GLN C 14 -34.37 -20.46 14.18
C GLN C 14 -34.14 -19.46 15.31
N ASP C 15 -33.03 -18.73 15.24
CA ASP C 15 -32.88 -17.47 15.99
C ASP C 15 -33.90 -16.45 15.52
N GLY C 16 -34.15 -15.45 16.36
CA GLY C 16 -35.20 -14.46 16.11
C GLY C 16 -34.83 -13.35 15.13
N GLN C 17 -33.96 -13.65 14.16
CA GLN C 17 -33.04 -12.69 13.56
C GLN C 17 -32.87 -12.94 12.06
N ILE C 18 -32.80 -11.84 11.29
CA ILE C 18 -32.34 -11.87 9.90
C ILE C 18 -31.09 -11.02 9.70
N ASP C 19 -30.27 -11.41 8.73
CA ASP C 19 -29.13 -10.61 8.27
C ASP C 19 -29.36 -10.09 6.86
N ALA C 20 -28.50 -9.16 6.44
CA ALA C 20 -28.63 -8.44 5.15
C ALA C 20 -28.99 -9.34 3.95
N ASP C 21 -28.36 -10.50 3.89
CA ASP C 21 -28.55 -11.45 2.79
C ASP C 21 -29.96 -12.02 2.84
N GLU C 22 -30.42 -12.30 4.06
CA GLU C 22 -31.79 -12.78 4.30
C GLU C 22 -32.82 -11.68 4.07
N LEU C 23 -32.52 -10.48 4.56
CA LEU C 23 -33.45 -9.34 4.47
C LEU C 23 -33.89 -9.12 3.03
N GLN C 24 -32.91 -9.10 2.12
CA GLN C 24 -33.21 -9.01 0.69
C GLN C 24 -34.43 -9.88 0.35
N ARG C 25 -34.36 -11.15 0.73
CA ARG C 25 -35.28 -12.16 0.21
C ARG C 25 -36.71 -11.98 0.73
N CYS C 26 -36.89 -11.65 2.01
CA CYS C 26 -38.23 -11.38 2.53
C CYS C 26 -38.83 -10.06 2.02
N LEU C 27 -38.00 -9.09 1.63
CA LEU C 27 -38.52 -7.85 1.02
C LEU C 27 -39.07 -8.09 -0.36
N THR C 28 -38.27 -8.73 -1.19
CA THR C 28 -38.66 -9.05 -2.56
C THR C 28 -39.94 -9.86 -2.53
N GLN C 29 -39.95 -10.90 -1.69
CA GLN C 29 -41.17 -11.67 -1.38
C GLN C 29 -42.35 -10.80 -0.98
N SER C 30 -42.14 -9.89 -0.03
CA SER C 30 -43.18 -8.97 0.42
C SER C 30 -43.73 -8.13 -0.73
N GLY C 31 -42.87 -7.83 -1.71
CA GLY C 31 -43.29 -7.15 -2.93
C GLY C 31 -43.47 -5.66 -2.74
N ILE C 32 -42.79 -5.11 -1.74
CA ILE C 32 -42.39 -3.72 -1.75
C ILE C 32 -41.53 -3.43 -2.98
N ALA C 33 -40.78 -4.42 -3.47
CA ALA C 33 -40.25 -4.44 -4.85
C ALA C 33 -41.33 -4.19 -5.90
N GLY C 34 -42.34 -5.08 -5.94
CA GLY C 34 -43.64 -4.76 -6.53
C GLY C 34 -43.71 -4.93 -8.04
N GLY C 35 -43.16 -6.03 -8.55
CA GLY C 35 -42.93 -6.19 -9.99
C GLY C 35 -41.93 -5.21 -10.58
N TYR C 36 -40.99 -4.77 -9.75
CA TYR C 36 -39.74 -4.14 -10.20
C TYR C 36 -38.65 -5.20 -9.97
N LYS C 37 -37.39 -4.84 -10.20
CA LYS C 37 -36.27 -5.65 -9.72
C LYS C 37 -36.17 -5.59 -8.17
N PRO C 38 -35.70 -6.68 -7.54
CA PRO C 38 -35.20 -6.72 -6.16
C PRO C 38 -34.16 -5.69 -5.73
N PHE C 39 -33.77 -5.76 -4.46
CA PHE C 39 -32.87 -4.79 -3.84
C PHE C 39 -31.53 -5.48 -3.65
N ASN C 40 -30.49 -5.04 -4.36
CA ASN C 40 -29.23 -5.78 -4.33
C ASN C 40 -28.55 -5.66 -2.96
N LEU C 41 -27.92 -6.76 -2.54
CA LEU C 41 -27.35 -6.95 -1.20
C LEU C 41 -26.94 -5.70 -0.46
N GLU C 42 -26.16 -4.85 -1.12
CA GLU C 42 -25.58 -3.66 -0.49
C GLU C 42 -26.67 -2.73 0.05
N THR C 43 -27.65 -2.40 -0.80
CA THR C 43 -28.89 -1.75 -0.38
C THR C 43 -29.21 -2.14 1.08
N CYS C 44 -29.38 -3.46 1.28
CA CYS C 44 -29.92 -4.05 2.51
C CYS C 44 -28.92 -4.07 3.66
N ARG C 45 -27.66 -4.32 3.35
CA ARG C 45 -26.60 -4.25 4.36
C ARG C 45 -26.65 -2.92 5.12
N LEU C 46 -27.11 -1.88 4.43
CA LEU C 46 -27.25 -0.53 4.99
C LEU C 46 -28.51 -0.41 5.86
N MET C 47 -29.63 -0.87 5.32
CA MET C 47 -30.89 -0.99 6.06
C MET C 47 -30.70 -1.73 7.38
N VAL C 48 -29.97 -2.84 7.35
CA VAL C 48 -29.61 -3.57 8.57
C VAL C 48 -28.83 -2.62 9.46
N SER C 49 -27.65 -2.19 9.00
CA SER C 49 -26.75 -1.39 9.83
C SER C 49 -27.29 0.01 10.18
N MET C 50 -28.39 0.42 9.53
CA MET C 50 -29.21 1.55 10.01
C MET C 50 -29.89 1.27 11.36
N LEU C 51 -30.78 0.28 11.40
CA LEU C 51 -31.59 0.01 12.59
C LEU C 51 -30.99 -1.06 13.48
N ASP C 52 -29.88 -1.64 13.03
CA ASP C 52 -29.11 -2.58 13.83
C ASP C 52 -28.66 -1.88 15.09
N ARG C 53 -29.49 -1.98 16.12
CA ARG C 53 -29.12 -1.62 17.48
C ARG C 53 -28.24 -2.74 18.04
N ASP C 54 -27.38 -2.38 18.98
CA ASP C 54 -26.40 -3.32 19.58
C ASP C 54 -25.29 -3.80 18.60
N MET C 55 -25.21 -3.21 17.40
CA MET C 55 -24.09 -3.39 16.46
C MET C 55 -23.69 -4.87 16.22
N SER C 56 -24.69 -5.73 15.95
CA SER C 56 -24.46 -7.16 15.65
C SER C 56 -24.82 -7.60 14.21
N GLY C 57 -25.23 -6.67 13.35
CA GLY C 57 -25.59 -6.97 11.96
C GLY C 57 -26.84 -7.82 11.77
N THR C 58 -27.86 -7.56 12.58
CA THR C 58 -29.04 -8.41 12.65
C THR C 58 -30.35 -7.59 12.67
N MET C 59 -31.48 -8.28 12.78
CA MET C 59 -32.80 -7.63 12.81
C MET C 59 -33.88 -8.59 13.31
N GLY C 60 -34.49 -8.25 14.44
CA GLY C 60 -35.76 -8.86 14.87
C GLY C 60 -36.94 -8.45 14.01
N PHE C 61 -38.08 -9.10 14.24
CA PHE C 61 -39.31 -8.83 13.48
C PHE C 61 -39.80 -7.41 13.71
N ASN C 62 -39.92 -7.01 14.97
CA ASN C 62 -40.38 -5.63 15.30
C ASN C 62 -39.46 -4.52 14.73
N GLU C 63 -38.17 -4.82 14.51
CA GLU C 63 -37.30 -3.97 13.67
C GLU C 63 -37.71 -4.03 12.21
N PHE C 64 -38.02 -5.23 11.72
CA PHE C 64 -38.52 -5.43 10.35
C PHE C 64 -39.85 -4.74 10.07
N LYS C 65 -40.72 -4.69 11.07
CA LYS C 65 -42.03 -4.06 10.90
C LYS C 65 -41.88 -2.54 10.75
N GLU C 66 -40.99 -1.92 11.55
CA GLU C 66 -40.62 -0.50 11.41
C GLU C 66 -40.17 -0.16 10.01
N LEU C 67 -39.21 -0.96 9.53
CA LEU C 67 -38.66 -0.81 8.19
C LEU C 67 -39.74 -0.84 7.11
N TRP C 68 -40.69 -1.78 7.21
CA TRP C 68 -41.74 -1.90 6.18
C TRP C 68 -42.76 -0.75 6.20
N ALA C 69 -42.90 -0.09 7.35
CA ALA C 69 -43.53 1.23 7.39
C ALA C 69 -42.80 2.16 6.41
N VAL C 70 -41.50 2.32 6.67
CA VAL C 70 -40.70 3.43 6.14
C VAL C 70 -40.57 3.36 4.61
N LEU C 71 -40.24 2.16 4.13
CA LEU C 71 -40.16 1.87 2.68
C LEU C 71 -41.47 2.06 1.91
N ASN C 72 -42.60 1.76 2.55
CA ASN C 72 -43.92 2.11 2.00
C ASN C 72 -44.11 3.62 1.94
N GLY C 73 -43.54 4.32 2.93
CA GLY C 73 -43.43 5.79 2.92
C GLY C 73 -42.61 6.44 1.82
N TRP C 74 -41.65 5.68 1.26
CA TRP C 74 -40.86 6.17 0.13
C TRP C 74 -41.17 5.47 -1.21
N ARG C 75 -41.82 4.30 -1.20
CA ARG C 75 -42.42 3.76 -2.44
C ARG C 75 -43.69 4.51 -2.83
N GLN C 76 -44.50 4.90 -1.85
CA GLN C 76 -45.61 5.83 -2.10
C GLN C 76 -45.08 7.19 -2.61
N HIS C 77 -43.87 7.57 -2.18
CA HIS C 77 -43.15 8.76 -2.69
C HIS C 77 -42.32 8.57 -3.99
N PHE C 78 -42.53 7.47 -4.70
CA PHE C 78 -41.87 7.21 -6.00
C PHE C 78 -42.84 7.38 -7.17
N ILE C 79 -44.09 6.94 -7.01
CA ILE C 79 -45.16 7.29 -7.96
C ILE C 79 -45.31 8.82 -8.02
N SER C 80 -45.00 9.48 -6.89
CA SER C 80 -44.92 10.95 -6.81
C SER C 80 -43.77 11.64 -7.57
N PHE C 81 -42.86 10.88 -8.19
CA PHE C 81 -41.89 11.46 -9.13
C PHE C 81 -41.76 10.68 -10.45
N ASP C 82 -41.51 9.37 -10.40
CA ASP C 82 -41.65 8.54 -11.60
C ASP C 82 -43.12 8.52 -12.02
N THR C 83 -43.39 9.22 -13.13
CA THR C 83 -44.73 9.56 -13.59
C THR C 83 -45.54 8.28 -13.89
N ASP C 84 -45.05 7.52 -14.86
CA ASP C 84 -45.55 6.18 -15.14
C ASP C 84 -45.14 5.23 -14.01
N ARG C 85 -45.79 4.07 -13.92
CA ARG C 85 -45.26 2.95 -13.13
C ARG C 85 -44.23 2.17 -13.96
N SER C 86 -43.14 2.87 -14.29
CA SER C 86 -42.17 2.45 -15.30
C SER C 86 -40.90 1.85 -14.70
N GLY C 87 -40.40 2.47 -13.62
CA GLY C 87 -39.07 2.17 -13.08
C GLY C 87 -38.07 3.26 -13.45
N THR C 88 -37.96 3.52 -14.76
CA THR C 88 -37.04 4.52 -15.29
C THR C 88 -37.43 5.94 -14.89
N VAL C 89 -36.59 6.54 -14.05
CA VAL C 89 -36.85 7.85 -13.47
C VAL C 89 -35.59 8.69 -13.69
N ASP C 90 -35.74 9.97 -14.03
CA ASP C 90 -34.66 10.80 -14.61
C ASP C 90 -34.18 11.89 -13.63
N PRO C 91 -32.87 12.21 -13.60
CA PRO C 91 -32.22 12.86 -12.43
C PRO C 91 -32.85 14.15 -11.85
N GLN C 92 -33.55 14.94 -12.67
CA GLN C 92 -34.25 16.14 -12.19
C GLN C 92 -35.50 15.75 -11.37
N GLU C 93 -36.33 14.91 -11.96
CA GLU C 93 -37.34 14.11 -11.23
C GLU C 93 -36.84 13.72 -9.84
N LEU C 94 -35.65 13.09 -9.78
CA LEU C 94 -35.11 12.55 -8.52
C LEU C 94 -34.46 13.61 -7.62
N GLN C 95 -33.59 14.46 -8.17
CA GLN C 95 -32.75 15.36 -7.36
C GLN C 95 -33.59 16.41 -6.63
N LYS C 96 -34.70 16.79 -7.26
CA LYS C 96 -35.78 17.50 -6.60
C LYS C 96 -36.30 16.72 -5.39
N ALA C 97 -36.70 15.47 -5.62
CA ALA C 97 -37.33 14.59 -4.61
C ALA C 97 -36.59 14.37 -3.27
N LEU C 98 -35.31 14.74 -3.20
CA LEU C 98 -34.44 14.35 -2.08
C LEU C 98 -34.57 15.36 -0.92
N THR C 99 -34.67 16.63 -1.28
CA THR C 99 -35.07 17.67 -0.34
C THR C 99 -36.56 17.57 0.05
N THR C 100 -37.43 17.09 -0.85
CA THR C 100 -38.90 16.97 -0.57
C THR C 100 -39.21 15.99 0.56
N MET C 101 -38.41 14.94 0.67
CA MET C 101 -38.25 14.20 1.93
C MET C 101 -37.16 14.87 2.77
N GLY C 102 -37.53 15.97 3.43
CA GLY C 102 -36.79 16.50 4.57
C GLY C 102 -35.44 17.08 4.21
N PHE C 103 -34.39 16.40 4.64
CA PHE C 103 -33.14 17.06 5.03
C PHE C 103 -32.35 17.55 3.81
N ARG C 104 -31.34 18.38 4.08
CA ARG C 104 -31.05 19.55 3.26
C ARG C 104 -29.82 19.32 2.38
N LEU C 105 -29.93 19.73 1.11
CA LEU C 105 -28.87 19.49 0.11
C LEU C 105 -28.43 20.77 -0.60
N SER C 106 -27.37 20.65 -1.36
CA SER C 106 -26.95 21.65 -2.34
C SER C 106 -26.73 20.90 -3.65
N PRO C 107 -27.60 21.11 -4.68
CA PRO C 107 -27.48 20.31 -5.92
C PRO C 107 -26.12 20.32 -6.66
N GLN C 108 -25.19 21.19 -6.25
CA GLN C 108 -23.72 21.01 -6.47
C GLN C 108 -23.13 19.66 -6.07
N ALA C 109 -23.43 19.20 -4.85
CA ALA C 109 -22.84 17.96 -4.32
C ALA C 109 -23.63 16.74 -4.79
N VAL C 110 -24.95 16.80 -4.62
CA VAL C 110 -25.93 15.85 -5.19
C VAL C 110 -25.66 15.47 -6.66
N ASN C 111 -25.27 16.45 -7.47
CA ASN C 111 -24.77 16.20 -8.82
C ASN C 111 -23.70 15.11 -8.85
N SER C 112 -22.69 15.24 -7.98
CA SER C 112 -21.58 14.25 -7.89
C SER C 112 -22.03 12.83 -7.47
N ILE C 113 -23.10 12.74 -6.68
CA ILE C 113 -23.67 11.45 -6.26
C ILE C 113 -24.48 10.80 -7.39
N ALA C 114 -25.48 11.53 -7.89
CA ALA C 114 -26.19 11.16 -9.13
C ALA C 114 -25.24 10.62 -10.19
N LYS C 115 -24.16 11.38 -10.44
CA LYS C 115 -23.13 11.00 -11.43
C LYS C 115 -22.42 9.67 -11.11
N ARG C 116 -22.26 9.32 -9.84
CA ARG C 116 -21.78 7.97 -9.46
C ARG C 116 -22.68 6.81 -9.97
N TYR C 117 -23.97 7.09 -10.19
CA TYR C 117 -24.94 6.10 -10.65
C TYR C 117 -25.17 6.25 -12.14
N SER C 118 -26.02 5.39 -12.69
CA SER C 118 -26.41 5.36 -14.11
C SER C 118 -26.52 6.58 -15.05
N THR C 119 -27.02 7.70 -14.53
CA THR C 119 -26.84 9.09 -15.04
C THR C 119 -27.28 9.37 -16.49
N ASN C 120 -27.95 8.40 -17.14
CA ASN C 120 -28.35 8.52 -18.54
C ASN C 120 -29.85 8.24 -18.71
N GLY C 121 -30.63 8.74 -17.76
CA GLY C 121 -32.03 8.33 -17.60
C GLY C 121 -32.25 6.91 -17.13
N LYS C 122 -31.20 6.26 -16.62
CA LYS C 122 -31.24 4.81 -16.29
C LYS C 122 -31.19 4.59 -14.75
N ILE C 123 -31.74 5.52 -13.97
CA ILE C 123 -31.82 5.35 -12.50
C ILE C 123 -33.10 4.59 -12.17
N THR C 124 -32.94 3.47 -11.46
CA THR C 124 -34.03 2.50 -11.22
C THR C 124 -34.50 2.60 -9.78
N PHE C 125 -35.68 2.03 -9.53
CA PHE C 125 -36.27 1.85 -8.18
C PHE C 125 -35.29 1.30 -7.13
N ASP C 126 -34.44 0.37 -7.58
CA ASP C 126 -33.63 -0.49 -6.70
C ASP C 126 -32.34 0.23 -6.27
N ASP C 127 -31.84 1.09 -7.17
CA ASP C 127 -30.83 2.14 -6.91
C ASP C 127 -31.41 3.36 -6.19
N TYR C 128 -32.54 3.85 -6.71
CA TYR C 128 -33.32 4.92 -6.09
C TYR C 128 -33.48 4.66 -4.60
N ILE C 129 -34.30 3.65 -4.24
CA ILE C 129 -34.54 3.40 -2.82
C ILE C 129 -33.18 3.14 -2.18
N ALA C 130 -32.34 2.33 -2.81
CA ALA C 130 -31.01 2.06 -2.26
C ALA C 130 -30.28 3.33 -1.85
N CYS C 131 -30.37 4.36 -2.69
CA CYS C 131 -29.70 5.61 -2.39
C CYS C 131 -30.45 6.42 -1.35
N CYS C 132 -31.77 6.55 -1.51
CA CYS C 132 -32.65 7.13 -0.49
C CYS C 132 -32.27 6.61 0.91
N VAL C 133 -32.12 5.28 0.97
CA VAL C 133 -31.84 4.54 2.21
C VAL C 133 -30.51 4.94 2.81
N LYS C 134 -29.48 4.91 1.97
CA LYS C 134 -28.12 5.08 2.46
C LYS C 134 -27.94 6.54 2.89
N LEU C 135 -28.35 7.49 2.02
CA LEU C 135 -28.36 8.92 2.37
C LEU C 135 -28.81 9.11 3.81
N ARG C 136 -30.01 8.59 4.12
CA ARG C 136 -30.61 8.78 5.43
C ARG C 136 -29.70 8.19 6.50
N ALA C 137 -29.22 6.97 6.25
CA ALA C 137 -28.38 6.27 7.21
C ALA C 137 -27.06 7.00 7.58
N LEU C 138 -26.51 7.78 6.64
CA LEU C 138 -25.24 8.51 6.88
C LEU C 138 -25.43 9.73 7.75
N THR C 139 -26.45 10.50 7.42
CA THR C 139 -26.74 11.77 8.06
C THR C 139 -27.07 11.58 9.56
N ASP C 140 -27.59 10.39 9.91
CA ASP C 140 -27.72 9.95 11.30
C ASP C 140 -26.37 9.77 11.99
N SER C 141 -25.48 9.04 11.33
CA SER C 141 -24.15 8.72 11.87
C SER C 141 -23.21 9.91 11.86
N PHE C 142 -23.32 10.72 10.80
CA PHE C 142 -22.88 12.12 10.79
C PHE C 142 -23.34 12.90 12.03
N ARG C 143 -24.65 12.84 12.29
CA ARG C 143 -25.29 13.54 13.41
C ARG C 143 -24.57 13.29 14.74
N ARG C 144 -24.32 12.02 15.04
CA ARG C 144 -23.84 11.61 16.36
C ARG C 144 -22.52 12.28 16.84
N ARG C 145 -21.73 12.86 15.92
CA ARG C 145 -20.52 13.61 16.31
C ARG C 145 -20.79 14.86 17.17
N ASP C 146 -21.26 15.95 16.55
CA ASP C 146 -21.12 17.29 17.15
C ASP C 146 -22.26 17.63 18.12
N THR C 147 -21.95 18.45 19.12
CA THR C 147 -22.87 18.80 20.21
C THR C 147 -23.82 19.93 19.84
N ALA C 148 -23.25 21.08 19.46
CA ALA C 148 -24.04 22.18 18.88
C ALA C 148 -24.42 21.83 17.44
N GLN C 149 -25.72 21.92 17.13
CA GLN C 149 -26.24 21.45 15.83
C GLN C 149 -25.86 22.41 14.70
N GLN C 150 -24.73 22.10 14.06
CA GLN C 150 -24.20 22.87 12.94
C GLN C 150 -23.53 21.93 11.95
N GLY C 151 -23.40 22.39 10.71
CA GLY C 151 -22.84 21.59 9.62
C GLY C 151 -21.39 21.17 9.81
N VAL C 152 -20.56 22.04 10.41
CA VAL C 152 -19.14 21.72 10.68
C VAL C 152 -18.98 20.57 11.67
N VAL C 153 -18.07 19.65 11.36
CA VAL C 153 -17.81 18.42 12.12
C VAL C 153 -16.34 18.03 11.92
N ASN C 154 -15.54 18.13 12.99
CA ASN C 154 -14.11 17.77 12.92
C ASN C 154 -13.93 16.25 12.89
N PHE C 155 -13.53 15.73 11.73
CA PHE C 155 -13.33 14.30 11.51
C PHE C 155 -11.86 13.96 11.70
N PRO C 156 -11.52 13.12 12.72
CA PRO C 156 -10.25 12.41 12.64
C PRO C 156 -10.18 11.48 11.42
N TYR C 157 -9.05 11.49 10.72
CA TYR C 157 -8.72 10.48 9.71
C TYR C 157 -9.18 9.08 10.13
N ASP C 158 -8.93 8.73 11.40
CA ASP C 158 -9.41 7.47 11.99
C ASP C 158 -10.93 7.28 11.86
N ASP C 159 -11.69 8.10 12.58
CA ASP C 159 -13.15 8.00 12.64
C ASP C 159 -13.79 8.23 11.26
N PHE C 160 -13.13 9.04 10.43
CA PHE C 160 -13.52 9.22 9.03
C PHE C 160 -13.74 7.88 8.33
N ILE C 161 -12.80 6.96 8.53
CA ILE C 161 -12.91 5.61 7.98
C ILE C 161 -13.92 4.80 8.81
N GLN C 162 -13.65 4.70 10.13
CA GLN C 162 -14.51 3.99 11.08
C GLN C 162 -15.98 4.19 10.76
N CYS C 163 -16.37 5.45 10.65
CA CYS C 163 -17.73 5.84 10.27
C CYS C 163 -18.07 5.28 8.89
N VAL C 164 -17.44 5.81 7.84
CA VAL C 164 -17.91 5.60 6.46
C VAL C 164 -17.89 4.11 6.10
N MET C 165 -16.95 3.38 6.71
CA MET C 165 -16.86 1.93 6.56
C MET C 165 -17.96 1.20 7.37
N SER C 166 -18.07 1.52 8.66
CA SER C 166 -19.08 0.91 9.55
C SER C 166 -20.49 1.10 9.00
N VAL C 167 -20.78 2.31 8.56
CA VAL C 167 -22.11 2.67 8.08
C VAL C 167 -22.25 2.20 6.62
N MET D 1 -0.75 -3.85 -28.39
CA MET D 1 -2.06 -4.57 -28.34
C MET D 1 -2.11 -5.47 -27.11
N ASP D 2 -2.92 -5.07 -26.11
CA ASP D 2 -2.91 -5.71 -24.80
C ASP D 2 -3.90 -6.88 -24.75
N PRO D 3 -3.59 -7.93 -23.95
CA PRO D 3 -4.58 -8.94 -23.54
C PRO D 3 -5.92 -8.37 -23.08
N LEU D 4 -5.87 -7.38 -22.18
CA LEU D 4 -7.06 -6.86 -21.53
C LEU D 4 -7.96 -5.99 -22.42
N TYR D 5 -7.50 -5.57 -23.61
CA TYR D 5 -8.34 -4.75 -24.50
C TYR D 5 -9.48 -5.57 -25.12
N GLY D 6 -9.29 -6.88 -25.27
CA GLY D 6 -10.37 -7.79 -25.68
C GLY D 6 -11.59 -7.85 -24.77
N TYR D 7 -11.37 -7.85 -23.46
CA TYR D 7 -12.46 -7.77 -22.47
C TYR D 7 -13.23 -6.45 -22.59
N PHE D 8 -12.49 -5.40 -22.95
CA PHE D 8 -12.96 -4.03 -22.95
C PHE D 8 -13.79 -3.72 -24.19
N ALA D 9 -13.24 -4.05 -25.36
CA ALA D 9 -13.92 -3.87 -26.66
C ALA D 9 -15.35 -4.39 -26.68
N ALA D 10 -15.55 -5.56 -26.06
CA ALA D 10 -16.86 -6.22 -25.98
C ALA D 10 -17.98 -5.42 -25.29
N VAL D 11 -17.63 -4.48 -24.40
CA VAL D 11 -18.65 -3.72 -23.63
C VAL D 11 -18.54 -2.21 -23.84
N ALA D 12 -19.69 -1.57 -24.00
CA ALA D 12 -19.88 -0.11 -23.96
C ALA D 12 -18.72 0.76 -24.49
N GLY D 13 -18.23 0.40 -25.66
CA GLY D 13 -17.21 1.19 -26.37
C GLY D 13 -17.73 2.46 -27.03
N GLN D 14 -18.31 3.35 -26.23
CA GLN D 14 -18.90 4.60 -26.73
C GLN D 14 -17.72 5.54 -26.95
N ASP D 15 -17.09 5.92 -25.84
CA ASP D 15 -15.72 6.37 -25.81
C ASP D 15 -15.00 5.25 -25.07
N GLY D 16 -13.68 5.35 -24.95
CA GLY D 16 -12.90 4.59 -23.96
C GLY D 16 -13.48 4.49 -22.56
N GLN D 17 -14.31 5.46 -22.19
CA GLN D 17 -14.99 5.46 -20.89
C GLN D 17 -16.02 4.31 -20.69
N ILE D 18 -16.00 3.75 -19.47
CA ILE D 18 -16.76 2.53 -19.06
C ILE D 18 -17.23 2.68 -17.60
N ASP D 19 -18.41 2.13 -17.28
CA ASP D 19 -19.04 2.33 -15.95
C ASP D 19 -19.37 1.01 -15.21
N ALA D 20 -19.75 1.14 -13.93
CA ALA D 20 -19.79 0.03 -12.96
C ALA D 20 -20.58 -1.22 -13.40
N ASP D 21 -21.67 -1.05 -14.16
CA ASP D 21 -22.43 -2.20 -14.72
C ASP D 21 -21.84 -2.80 -16.02
N GLU D 22 -21.11 -1.97 -16.78
CA GLU D 22 -20.33 -2.44 -17.93
C GLU D 22 -18.95 -3.00 -17.52
N LEU D 23 -18.42 -2.47 -16.42
CA LEU D 23 -17.27 -3.06 -15.74
C LEU D 23 -17.59 -4.42 -15.10
N GLN D 24 -18.79 -4.55 -14.52
CA GLN D 24 -19.31 -5.83 -14.03
C GLN D 24 -19.03 -6.95 -15.00
N ARG D 25 -19.53 -6.81 -16.22
CA ARG D 25 -19.38 -7.83 -17.28
C ARG D 25 -17.94 -7.98 -17.81
N CYS D 26 -17.18 -6.89 -17.75
CA CYS D 26 -15.77 -6.89 -18.10
C CYS D 26 -14.94 -7.67 -17.07
N LEU D 27 -14.97 -7.21 -15.82
CA LEU D 27 -14.12 -7.77 -14.74
C LEU D 27 -14.31 -9.26 -14.53
N THR D 28 -15.57 -9.71 -14.55
CA THR D 28 -15.88 -11.13 -14.41
C THR D 28 -15.29 -11.94 -15.56
N GLN D 29 -15.49 -11.45 -16.78
CA GLN D 29 -14.91 -12.05 -18.01
C GLN D 29 -13.39 -12.30 -17.95
N SER D 30 -12.65 -11.28 -17.51
CA SER D 30 -11.21 -11.39 -17.21
C SER D 30 -10.83 -12.62 -16.40
N GLY D 31 -11.61 -12.84 -15.33
CA GLY D 31 -11.49 -14.04 -14.50
C GLY D 31 -10.65 -13.85 -13.26
N ILE D 32 -10.14 -12.63 -13.06
CA ILE D 32 -9.63 -12.20 -11.76
C ILE D 32 -10.69 -12.31 -10.64
N ALA D 33 -11.95 -12.07 -11.02
CA ALA D 33 -13.11 -12.49 -10.23
C ALA D 33 -13.00 -13.97 -9.93
N GLY D 34 -12.96 -14.76 -11.01
CA GLY D 34 -12.80 -16.21 -10.97
C GLY D 34 -11.70 -16.78 -10.07
N GLY D 35 -11.90 -18.04 -9.68
CA GLY D 35 -11.42 -18.55 -8.39
C GLY D 35 -12.52 -18.49 -7.33
N TYR D 36 -13.03 -17.29 -7.12
CA TYR D 36 -13.82 -16.95 -5.94
C TYR D 36 -15.16 -16.38 -6.39
N LYS D 37 -16.00 -15.93 -5.45
CA LYS D 37 -17.36 -15.51 -5.80
C LYS D 37 -17.31 -14.20 -6.60
N PRO D 38 -17.71 -14.24 -7.91
CA PRO D 38 -17.50 -13.10 -8.82
C PRO D 38 -18.18 -11.81 -8.41
N PHE D 39 -17.70 -10.70 -8.94
CA PHE D 39 -17.87 -9.41 -8.28
C PHE D 39 -19.35 -9.01 -8.33
N ASN D 40 -19.91 -8.53 -7.21
CA ASN D 40 -21.18 -7.79 -7.24
C ASN D 40 -20.96 -6.28 -7.51
N LEU D 41 -22.05 -5.51 -7.55
CA LEU D 41 -22.04 -4.17 -8.18
C LEU D 41 -21.35 -3.09 -7.34
N GLU D 42 -21.79 -2.89 -6.09
CA GLU D 42 -21.15 -1.94 -5.17
C GLU D 42 -19.61 -2.02 -5.19
N THR D 43 -19.08 -3.25 -5.23
CA THR D 43 -17.67 -3.49 -5.43
C THR D 43 -17.13 -2.83 -6.70
N CYS D 44 -17.82 -3.02 -7.83
CA CYS D 44 -17.50 -2.31 -9.07
C CYS D 44 -17.59 -0.77 -8.93
N ARG D 45 -18.77 -0.26 -8.57
CA ARG D 45 -18.99 1.16 -8.24
C ARG D 45 -17.82 1.79 -7.50
N LEU D 46 -17.38 1.13 -6.44
CA LEU D 46 -16.24 1.61 -5.67
C LEU D 46 -14.92 1.71 -6.47
N MET D 47 -14.68 0.79 -7.39
CA MET D 47 -13.48 0.83 -8.25
C MET D 47 -13.58 1.96 -9.28
N VAL D 48 -14.71 2.00 -9.99
CA VAL D 48 -15.18 3.20 -10.71
C VAL D 48 -14.74 4.47 -10.00
N SER D 49 -15.12 4.55 -8.72
CA SER D 49 -14.91 5.76 -7.91
C SER D 49 -13.50 5.87 -7.33
N MET D 50 -12.81 4.75 -7.16
CA MET D 50 -11.39 4.76 -6.87
C MET D 50 -10.58 5.31 -8.04
N LEU D 51 -11.05 5.11 -9.26
CA LEU D 51 -10.38 5.63 -10.45
C LEU D 51 -11.24 6.69 -11.14
N ASP D 52 -11.52 7.76 -10.41
CA ASP D 52 -12.03 8.99 -10.99
C ASP D 52 -10.87 9.99 -11.13
N ARG D 53 -10.32 10.06 -12.35
CA ARG D 53 -9.57 11.24 -12.81
C ARG D 53 -10.53 12.44 -12.86
N ASP D 54 -11.54 12.32 -13.72
CA ASP D 54 -12.57 13.36 -13.91
C ASP D 54 -13.75 13.15 -12.95
N MET D 55 -14.62 14.15 -12.88
CA MET D 55 -15.91 14.00 -12.18
C MET D 55 -16.93 13.17 -12.97
N SER D 56 -16.55 12.58 -14.11
CA SER D 56 -17.44 11.74 -14.91
C SER D 56 -18.16 10.68 -14.06
N GLY D 57 -17.42 10.02 -13.17
CA GLY D 57 -17.93 8.84 -12.45
C GLY D 57 -17.85 7.60 -13.33
N THR D 58 -16.70 7.45 -13.98
CA THR D 58 -16.54 6.58 -15.15
C THR D 58 -15.04 6.48 -15.47
N MET D 59 -14.62 5.42 -16.19
CA MET D 59 -13.18 5.17 -16.43
C MET D 59 -12.82 4.64 -17.82
N GLY D 60 -11.62 5.02 -18.29
CA GLY D 60 -11.08 4.57 -19.58
C GLY D 60 -10.24 3.31 -19.48
N PHE D 61 -9.83 2.77 -20.63
CA PHE D 61 -9.00 1.55 -20.68
C PHE D 61 -7.62 1.72 -20.04
N ASN D 62 -6.99 2.86 -20.30
CA ASN D 62 -5.77 3.24 -19.61
C ASN D 62 -5.97 3.13 -18.11
N GLU D 63 -7.10 3.64 -17.63
CA GLU D 63 -7.49 3.49 -16.23
C GLU D 63 -7.87 2.04 -15.84
N PHE D 64 -8.45 1.28 -16.78
CA PHE D 64 -8.80 -0.15 -16.56
C PHE D 64 -7.61 -1.06 -16.27
N LYS D 65 -6.56 -0.95 -17.09
CA LYS D 65 -5.32 -1.71 -16.88
C LYS D 65 -4.76 -1.50 -15.48
N GLU D 66 -4.70 -0.23 -15.06
CA GLU D 66 -4.24 0.11 -13.70
C GLU D 66 -5.01 -0.66 -12.66
N LEU D 67 -6.33 -0.57 -12.74
CA LEU D 67 -7.23 -1.29 -11.84
C LEU D 67 -6.86 -2.76 -11.76
N TRP D 68 -6.74 -3.39 -12.93
CA TRP D 68 -6.72 -4.83 -13.03
C TRP D 68 -5.56 -5.40 -12.23
N ALA D 69 -4.36 -4.88 -12.48
CA ALA D 69 -3.17 -5.39 -11.79
C ALA D 69 -3.01 -4.79 -10.37
N VAL D 70 -3.79 -3.77 -10.04
CA VAL D 70 -4.02 -3.40 -8.63
C VAL D 70 -4.69 -4.55 -7.86
N LEU D 71 -5.75 -5.11 -8.44
CA LEU D 71 -6.49 -6.24 -7.83
C LEU D 71 -5.65 -7.51 -7.83
N ASN D 72 -5.06 -7.83 -8.97
CA ASN D 72 -4.24 -9.03 -9.13
C ASN D 72 -3.23 -9.16 -7.98
N GLY D 73 -2.70 -8.02 -7.53
CA GLY D 73 -1.79 -7.96 -6.38
C GLY D 73 -2.46 -8.25 -5.05
N TRP D 74 -3.58 -7.57 -4.79
CA TRP D 74 -4.45 -7.92 -3.65
C TRP D 74 -5.03 -9.34 -3.68
N ARG D 75 -5.27 -9.86 -4.88
CA ARG D 75 -5.65 -11.25 -5.05
C ARG D 75 -4.52 -12.10 -4.45
N GLN D 76 -3.32 -11.95 -5.00
CA GLN D 76 -2.14 -12.67 -4.50
C GLN D 76 -1.94 -12.49 -2.99
N HIS D 77 -2.30 -11.32 -2.45
CA HIS D 77 -2.45 -11.11 -0.99
C HIS D 77 -3.49 -12.02 -0.32
N PHE D 78 -4.69 -12.02 -0.87
CA PHE D 78 -5.81 -12.84 -0.36
C PHE D 78 -5.47 -14.34 -0.34
N ILE D 79 -4.76 -14.81 -1.38
CA ILE D 79 -4.38 -16.23 -1.51
C ILE D 79 -3.47 -16.69 -0.37
N SER D 80 -2.48 -15.86 -0.05
CA SER D 80 -1.60 -16.10 1.09
C SER D 80 -2.37 -16.43 2.36
N PHE D 81 -3.30 -15.53 2.70
CA PHE D 81 -4.00 -15.50 4.00
C PHE D 81 -5.08 -16.57 4.15
N ASP D 82 -5.78 -16.86 3.06
CA ASP D 82 -6.81 -17.89 3.04
C ASP D 82 -6.20 -19.30 3.13
N THR D 83 -5.83 -19.70 4.34
CA THR D 83 -5.06 -20.94 4.59
C THR D 83 -5.78 -22.15 4.05
N ASP D 84 -7.05 -22.24 4.43
CA ASP D 84 -7.89 -23.41 4.17
C ASP D 84 -8.45 -23.52 2.72
N ARG D 85 -8.03 -22.68 1.78
CA ARG D 85 -8.58 -22.63 0.39
C ARG D 85 -10.12 -22.51 0.33
N SER D 86 -10.65 -21.63 1.19
CA SER D 86 -12.10 -21.50 1.43
C SER D 86 -12.85 -20.53 0.46
N GLY D 87 -12.23 -19.39 0.14
CA GLY D 87 -12.97 -18.16 -0.16
C GLY D 87 -13.37 -17.36 1.07
N THR D 88 -12.80 -17.74 2.20
CA THR D 88 -13.10 -17.12 3.48
C THR D 88 -11.75 -16.89 4.11
N VAL D 89 -11.33 -15.65 4.08
CA VAL D 89 -10.57 -15.09 5.18
C VAL D 89 -11.52 -14.84 6.34
N ASP D 90 -10.98 -14.89 7.57
CA ASP D 90 -11.73 -14.52 8.78
C ASP D 90 -11.21 -13.18 9.35
N PRO D 91 -12.03 -12.47 10.16
CA PRO D 91 -11.71 -11.14 10.72
C PRO D 91 -10.41 -10.94 11.54
N GLN D 92 -9.73 -12.02 11.92
CA GLN D 92 -8.38 -11.94 12.51
C GLN D 92 -7.26 -12.00 11.44
N GLU D 93 -7.46 -12.79 10.39
CA GLU D 93 -6.59 -12.78 9.22
C GLU D 93 -6.75 -11.49 8.40
N LEU D 94 -7.94 -10.88 8.47
CA LEU D 94 -8.28 -9.63 7.75
C LEU D 94 -7.57 -8.39 8.30
N GLN D 95 -7.65 -8.18 9.62
CA GLN D 95 -6.83 -7.16 10.31
C GLN D 95 -5.33 -7.21 9.98
N LYS D 96 -4.79 -8.42 9.76
CA LYS D 96 -3.39 -8.62 9.32
C LYS D 96 -3.12 -8.13 7.90
N ALA D 97 -4.08 -8.29 6.99
CA ALA D 97 -3.93 -7.76 5.63
C ALA D 97 -3.73 -6.23 5.62
N LEU D 98 -4.43 -5.54 6.50
CA LEU D 98 -4.34 -4.08 6.59
C LEU D 98 -3.04 -3.61 7.26
N THR D 99 -2.41 -4.47 8.06
CA THR D 99 -1.01 -4.27 8.43
C THR D 99 -0.11 -4.45 7.20
N THR D 100 -0.44 -5.45 6.37
CA THR D 100 0.27 -5.71 5.11
C THR D 100 0.16 -4.58 4.04
N MET D 101 -0.91 -3.77 4.08
CA MET D 101 -0.97 -2.56 3.26
C MET D 101 -0.43 -1.29 3.94
N GLY D 102 0.27 -1.43 5.07
CA GLY D 102 1.00 -0.31 5.70
C GLY D 102 0.12 0.78 6.29
N PHE D 103 -0.84 0.38 7.13
CA PHE D 103 -1.76 1.29 7.82
C PHE D 103 -1.36 1.45 9.30
N ARG D 104 -2.25 2.03 10.12
CA ARG D 104 -2.18 1.93 11.59
C ARG D 104 -3.53 1.50 12.20
N LEU D 105 -3.53 1.25 13.51
CA LEU D 105 -4.54 0.42 14.18
C LEU D 105 -5.95 1.05 14.23
N SER D 106 -6.97 0.25 13.96
CA SER D 106 -8.36 0.64 14.22
C SER D 106 -9.26 -0.60 14.36
N PRO D 107 -8.95 -1.45 15.35
CA PRO D 107 -9.55 -2.78 15.48
C PRO D 107 -11.04 -2.75 15.84
N GLN D 108 -11.54 -1.58 16.27
CA GLN D 108 -12.97 -1.25 16.18
C GLN D 108 -13.49 -1.26 14.74
N ALA D 109 -12.88 -0.44 13.89
CA ALA D 109 -13.32 -0.28 12.50
C ALA D 109 -13.09 -1.52 11.62
N VAL D 110 -12.17 -2.39 12.02
CA VAL D 110 -11.97 -3.66 11.32
C VAL D 110 -13.08 -4.65 11.66
N ASN D 111 -13.40 -4.74 12.95
CA ASN D 111 -14.57 -5.49 13.44
C ASN D 111 -15.87 -5.04 12.77
N SER D 112 -16.02 -3.72 12.58
CA SER D 112 -17.23 -3.16 11.99
C SER D 112 -17.44 -3.62 10.54
N ILE D 113 -16.36 -3.65 9.75
CA ILE D 113 -16.43 -4.10 8.36
C ILE D 113 -16.56 -5.63 8.26
N ALA D 114 -15.99 -6.35 9.23
CA ALA D 114 -16.23 -7.79 9.33
C ALA D 114 -17.72 -8.04 9.52
N LYS D 115 -18.28 -7.48 10.58
CA LYS D 115 -19.71 -7.61 10.90
C LYS D 115 -20.64 -7.03 9.82
N ARG D 116 -20.11 -6.09 9.03
CA ARG D 116 -20.78 -5.58 7.80
C ARG D 116 -21.05 -6.69 6.75
N TYR D 117 -20.06 -7.58 6.53
CA TYR D 117 -20.10 -8.57 5.45
C TYR D 117 -20.45 -10.01 5.91
N SER D 118 -20.10 -10.38 7.15
CA SER D 118 -19.64 -11.75 7.46
C SER D 118 -20.73 -12.72 7.95
N THR D 119 -20.55 -14.02 7.67
CA THR D 119 -21.39 -15.13 8.19
C THR D 119 -20.73 -15.83 9.41
N ASN D 120 -21.01 -15.31 10.61
CA ASN D 120 -20.28 -15.66 11.85
C ASN D 120 -18.81 -15.15 11.92
N GLY D 121 -18.33 -14.45 10.89
CA GLY D 121 -16.89 -14.16 10.69
C GLY D 121 -16.19 -14.89 9.54
N LYS D 122 -16.82 -14.92 8.37
CA LYS D 122 -16.18 -15.30 7.10
C LYS D 122 -16.37 -14.20 6.06
N ILE D 123 -15.27 -13.59 5.58
CA ILE D 123 -15.33 -12.49 4.60
C ILE D 123 -14.95 -13.00 3.23
N THR D 124 -15.73 -12.63 2.21
CA THR D 124 -15.50 -13.09 0.82
C THR D 124 -14.27 -12.40 0.22
N PHE D 125 -13.70 -13.04 -0.79
CA PHE D 125 -12.87 -12.38 -1.80
C PHE D 125 -13.49 -11.06 -2.22
N ASP D 126 -14.68 -11.09 -2.82
CA ASP D 126 -15.43 -9.88 -3.23
C ASP D 126 -15.56 -8.80 -2.13
N ASP D 127 -15.54 -9.21 -0.86
CA ASP D 127 -15.71 -8.30 0.26
C ASP D 127 -14.38 -7.88 0.88
N TYR D 128 -13.35 -8.73 0.84
CA TYR D 128 -11.96 -8.30 1.05
C TYR D 128 -11.55 -7.23 0.04
N ILE D 129 -11.92 -7.44 -1.23
CA ILE D 129 -11.56 -6.55 -2.34
C ILE D 129 -12.24 -5.19 -2.17
N ALA D 130 -13.58 -5.20 -2.10
CA ALA D 130 -14.36 -3.97 -1.92
C ALA D 130 -14.13 -3.29 -0.57
N CYS D 131 -13.76 -4.04 0.47
CA CYS D 131 -13.10 -3.43 1.64
C CYS D 131 -11.77 -2.72 1.26
N CYS D 132 -10.89 -3.41 0.54
CA CYS D 132 -9.54 -2.90 0.23
C CYS D 132 -9.54 -1.74 -0.77
N VAL D 133 -10.46 -1.76 -1.75
CA VAL D 133 -10.75 -0.60 -2.60
C VAL D 133 -11.16 0.62 -1.74
N LYS D 134 -12.20 0.44 -0.94
CA LYS D 134 -12.77 1.53 -0.11
C LYS D 134 -11.69 2.19 0.76
N LEU D 135 -10.83 1.40 1.40
CA LEU D 135 -9.74 1.95 2.23
C LEU D 135 -8.87 2.96 1.46
N ARG D 136 -8.28 2.51 0.35
CA ARG D 136 -7.54 3.40 -0.55
C ARG D 136 -8.44 4.51 -1.05
N ALA D 137 -9.54 4.15 -1.72
CA ALA D 137 -10.46 5.11 -2.39
C ALA D 137 -10.93 6.31 -1.55
N LEU D 138 -11.16 6.08 -0.25
CA LEU D 138 -11.46 7.16 0.70
C LEU D 138 -10.20 7.95 1.03
N THR D 139 -9.11 7.23 1.29
CA THR D 139 -7.84 7.85 1.67
C THR D 139 -7.07 8.49 0.48
N ASP D 140 -7.60 8.36 -0.74
CA ASP D 140 -7.40 9.38 -1.77
C ASP D 140 -8.10 10.69 -1.38
N SER D 141 -9.41 10.62 -1.18
CA SER D 141 -10.26 11.80 -0.93
C SER D 141 -10.07 12.49 0.44
N PHE D 142 -9.32 11.87 1.35
CA PHE D 142 -8.79 12.56 2.53
C PHE D 142 -7.61 13.47 2.16
N ARG D 143 -6.57 12.89 1.56
CA ARG D 143 -5.35 13.63 1.18
C ARG D 143 -5.61 14.78 0.16
N ARG D 144 -6.65 14.62 -0.67
CA ARG D 144 -7.06 15.60 -1.68
C ARG D 144 -7.65 16.89 -1.10
N ARG D 145 -8.61 16.73 -0.19
CA ARG D 145 -9.23 17.87 0.50
C ARG D 145 -8.26 18.49 1.48
N ASP D 146 -7.76 17.65 2.38
CA ASP D 146 -6.87 18.09 3.44
C ASP D 146 -5.42 18.11 2.91
N THR D 147 -5.13 19.10 2.08
CA THR D 147 -3.74 19.52 1.79
C THR D 147 -3.25 20.58 2.78
N ALA D 148 -4.06 20.86 3.80
CA ALA D 148 -3.55 21.29 5.11
C ALA D 148 -2.71 20.22 5.82
N GLN D 149 -3.15 18.97 5.70
CA GLN D 149 -2.44 17.78 6.23
C GLN D 149 -2.39 17.72 7.75
N GLN D 150 -3.53 17.40 8.35
CA GLN D 150 -3.79 17.60 9.78
C GLN D 150 -3.96 16.29 10.58
N GLY D 151 -4.27 15.19 9.89
CA GLY D 151 -5.00 14.07 10.51
C GLY D 151 -6.47 14.34 10.80
N VAL D 152 -7.01 15.41 10.23
CA VAL D 152 -8.42 15.82 10.42
C VAL D 152 -8.92 16.67 9.23
N VAL D 153 -10.13 16.36 8.75
CA VAL D 153 -10.86 17.23 7.82
C VAL D 153 -12.04 17.89 8.54
N ASN D 154 -12.30 19.16 8.22
CA ASN D 154 -13.34 19.95 8.88
C ASN D 154 -14.54 20.10 7.95
N PHE D 155 -15.44 19.12 8.01
CA PHE D 155 -16.44 18.88 6.96
C PHE D 155 -17.77 19.58 7.29
N PRO D 156 -18.28 20.43 6.37
CA PRO D 156 -19.71 20.78 6.41
C PRO D 156 -20.65 19.57 6.21
N TYR D 157 -21.91 19.72 6.60
CA TYR D 157 -22.98 18.78 6.19
C TYR D 157 -22.95 18.61 4.67
N ASP D 158 -23.01 19.72 3.93
CA ASP D 158 -23.12 19.70 2.46
C ASP D 158 -21.82 19.41 1.70
N ASP D 159 -20.70 19.34 2.42
CA ASP D 159 -19.38 19.00 1.84
C ASP D 159 -18.90 17.59 2.22
N PHE D 160 -19.12 17.19 3.47
CA PHE D 160 -19.01 15.78 3.91
C PHE D 160 -19.63 14.84 2.89
N ILE D 161 -20.93 14.99 2.68
CA ILE D 161 -21.72 14.03 1.92
C ILE D 161 -21.42 14.13 0.41
N GLN D 162 -20.80 15.23 -0.04
CA GLN D 162 -20.28 15.34 -1.41
C GLN D 162 -19.23 14.27 -1.75
N CYS D 163 -18.27 14.08 -0.84
CA CYS D 163 -17.15 13.15 -1.07
C CYS D 163 -17.54 11.70 -0.79
N VAL D 164 -18.23 11.47 0.33
CA VAL D 164 -18.44 10.11 0.85
C VAL D 164 -19.37 9.28 -0.05
N MET D 165 -20.36 9.91 -0.65
CA MET D 165 -21.29 9.24 -1.58
C MET D 165 -20.80 9.20 -3.03
N SER D 166 -19.64 9.79 -3.31
CA SER D 166 -18.92 9.55 -4.56
C SER D 166 -18.12 8.25 -4.58
N VAL D 167 -17.52 7.84 -3.45
CA VAL D 167 -16.80 6.53 -3.35
C VAL D 167 -17.75 5.33 -3.40
#